data_6RBK
#
_entry.id   6RBK
#
loop_
_entity.id
_entity.type
_entity.pdbx_description
1 polymer Afp7
2 polymer Afp8
#
loop_
_entity_poly.entity_id
_entity_poly.type
_entity_poly.pdbx_seq_one_letter_code
_entity_poly.pdbx_strand_id
1 'polypeptide(L)'
;MSLLERGLSKLTLNAWKDREGKIPAGSMSAMYNPETIQLDYQTRFDTEDTINTASQSNRYVISEPVGLNLTLLFDSQMPG
NTTPIETQLAMLKSLCAVDAATGSPYFLRITWGKMRWENKGWFAGRARDLSVTYTLFDRDATPLRATVQLSLVADESFVI
QQSLKTQSAPDRALVSVPDLASLPLLALSAGGVLASSVDYLSLAWDNDLDNLDDFQTGDFLRATKGEEV
;
A,B
2 'polypeptide(L)'
;MSHITLDIAGQRSTLGIRRLRVQQLINEIPLAQLELHIPTDNHGAADNAVQHEVSRFTLGVRVGIAQDNKPLFDGYLVQK
KMQLKGKEWSVRLEARHALQKLTFLPHSRVFRQQDDSTVMKGLLQSAGVKLTQESAAQLSSKHDQLLQFRLSDWQFIRSR
LLSTNCWLLPDAASDTVVIRPLSDAAMASRTLARDSHDYTLYEINLNFDNRFTPDSLSLQGWDIAAQRLTAAQKSPAGAF
RPWKPAGKVGQSSAGRQDYALAFSMLPEATLQTLSNSWLNYQQMTGVQGHIVLAGTRDFAPGESITLSGFGAGLDGTAML
SGVNQQFDTQYGWRSELVIGLPASMLEPAPPVRSLHIGTVAGFTADPQHLDRIAIHLPALNLPDSLIFARLSKPWASHAS
GFCFYPEPGDEVVVGFIDSDPRYPMILGALHNPKNTAPFPPDEKNNRKGLIVSQADQTQALMIDTEEKTLRLMAGDNTLT
LTGEGNLTMSTPNALQLQADTLGLQADSNLSIAGKQQVEITSAKINMKK
;
C
#
# COMPACT_ATOMS: atom_id res chain seq x y z
N SER A 2 35.53 28.00 -48.20
CA SER A 2 35.08 28.59 -49.46
C SER A 2 34.52 29.98 -49.25
N LEU A 3 34.27 30.66 -50.38
CA LEU A 3 33.65 31.97 -50.57
C LEU A 3 34.53 33.14 -50.13
N LEU A 4 35.61 32.88 -49.40
CA LEU A 4 36.59 33.93 -49.13
C LEU A 4 37.99 33.49 -49.55
N GLU A 5 38.45 32.37 -49.00
CA GLU A 5 39.84 31.96 -49.09
C GLU A 5 39.95 30.51 -48.66
N ARG A 6 41.14 29.95 -48.82
CA ARG A 6 41.40 28.53 -48.60
C ARG A 6 42.50 28.36 -47.54
N GLY A 7 42.09 28.10 -46.32
CA GLY A 7 43.02 27.89 -45.22
C GLY A 7 42.35 27.07 -44.15
N LEU A 8 43.13 26.23 -43.47
CA LEU A 8 42.56 25.29 -42.53
C LEU A 8 42.11 25.95 -41.24
N SER A 9 40.93 25.56 -40.76
CA SER A 9 40.41 26.00 -39.49
C SER A 9 40.55 24.83 -38.53
N LYS A 10 41.55 24.90 -37.66
CA LYS A 10 41.78 23.90 -36.64
C LYS A 10 40.73 23.99 -35.55
N LEU A 11 40.46 22.88 -34.87
CA LEU A 11 39.50 22.94 -33.77
C LEU A 11 40.18 23.46 -32.51
N THR A 12 39.39 24.09 -31.66
CA THR A 12 39.88 24.78 -30.47
C THR A 12 39.22 24.16 -29.25
N LEU A 13 40.01 23.89 -28.22
CA LEU A 13 39.53 23.34 -26.95
C LEU A 13 39.59 24.44 -25.90
N ASN A 14 38.42 25.03 -25.59
CA ASN A 14 38.32 26.12 -24.63
C ASN A 14 37.77 25.56 -23.33
N ALA A 15 38.45 25.85 -22.22
CA ALA A 15 38.08 25.31 -20.93
C ALA A 15 37.81 26.45 -19.95
N TRP A 16 36.81 26.26 -19.10
CA TRP A 16 36.45 27.18 -18.03
C TRP A 16 36.61 26.48 -16.69
N LYS A 17 36.13 27.09 -15.63
CA LYS A 17 36.13 26.40 -14.35
C LYS A 17 34.75 26.12 -13.81
N ASP A 18 33.79 27.01 -14.08
CA ASP A 18 32.41 26.84 -13.67
C ASP A 18 31.57 26.36 -14.84
N ARG A 19 30.30 26.07 -14.56
CA ARG A 19 29.36 25.66 -15.59
C ARG A 19 29.08 26.78 -16.58
N GLU A 20 28.92 28.01 -16.06
CA GLU A 20 28.39 29.10 -16.89
C GLU A 20 29.43 29.69 -17.81
N GLY A 21 30.69 29.66 -17.42
CA GLY A 21 31.73 30.21 -18.25
C GLY A 21 32.24 31.58 -17.86
N LYS A 22 32.00 32.01 -16.62
CA LYS A 22 32.51 33.30 -16.18
C LYS A 22 34.00 33.26 -15.90
N ILE A 23 34.49 32.17 -15.33
CA ILE A 23 35.88 32.04 -14.92
C ILE A 23 36.61 31.24 -16.00
N PRO A 24 37.56 31.83 -16.74
CA PRO A 24 38.22 31.07 -17.79
C PRO A 24 39.52 30.39 -17.37
N ALA A 25 39.68 29.15 -17.81
CA ALA A 25 40.95 28.45 -17.77
C ALA A 25 41.69 28.73 -19.09
N GLY A 26 42.71 27.95 -19.39
CA GLY A 26 43.43 28.10 -20.63
C GLY A 26 42.65 27.58 -21.83
N SER A 27 43.35 27.52 -22.96
CA SER A 27 42.76 27.08 -24.22
C SER A 27 43.88 26.60 -25.14
N MET A 28 43.53 25.66 -26.02
CA MET A 28 44.48 25.15 -26.98
C MET A 28 43.76 24.80 -28.28
N SER A 29 44.45 24.97 -29.40
CA SER A 29 43.92 24.61 -30.70
C SER A 29 44.72 23.44 -31.23
N ALA A 30 44.05 22.40 -31.67
CA ALA A 30 44.70 21.15 -32.03
C ALA A 30 45.24 21.23 -33.45
N MET A 31 46.52 20.97 -33.61
CA MET A 31 47.06 20.64 -34.91
C MET A 31 46.54 19.27 -35.35
N TYR A 32 46.49 19.08 -36.68
CA TYR A 32 46.09 17.82 -37.32
C TYR A 32 44.66 17.42 -36.94
N ASN A 33 43.69 18.07 -37.55
CA ASN A 33 42.25 17.86 -37.40
C ASN A 33 41.86 16.39 -37.36
N PRO A 34 40.79 16.03 -36.62
CA PRO A 34 40.62 14.65 -36.18
C PRO A 34 40.30 13.61 -37.25
N GLU A 35 39.87 14.01 -38.45
CA GLU A 35 39.52 13.16 -39.62
C GLU A 35 38.22 12.41 -39.39
N THR A 36 37.80 12.12 -38.16
CA THR A 36 36.47 11.61 -37.89
C THR A 36 35.99 12.18 -36.57
N ILE A 37 34.74 12.60 -36.50
CA ILE A 37 34.07 12.83 -35.23
C ILE A 37 32.87 11.91 -35.19
N GLN A 38 32.45 11.50 -34.00
CA GLN A 38 31.15 10.85 -33.89
C GLN A 38 30.42 11.28 -32.63
N LEU A 39 29.13 11.55 -32.78
CA LEU A 39 28.24 11.88 -31.68
C LEU A 39 27.28 10.73 -31.51
N ASP A 40 27.26 10.14 -30.33
CA ASP A 40 26.47 8.94 -30.10
C ASP A 40 25.38 9.27 -29.09
N TYR A 41 24.14 9.02 -29.49
CA TYR A 41 22.97 9.14 -28.62
C TYR A 41 22.57 7.81 -28.04
N GLN A 42 21.83 7.88 -26.93
CA GLN A 42 21.33 6.71 -26.23
C GLN A 42 20.21 7.17 -25.31
N THR A 43 18.99 6.73 -25.59
CA THR A 43 17.84 7.00 -24.75
C THR A 43 17.34 5.68 -24.19
N ARG A 44 17.20 5.59 -22.87
CA ARG A 44 16.89 4.34 -22.21
C ARG A 44 15.39 4.24 -21.95
N PHE A 45 14.81 3.11 -22.32
CA PHE A 45 13.40 2.83 -22.11
C PHE A 45 13.26 1.57 -21.25
N ASP A 46 12.04 1.35 -20.77
CA ASP A 46 11.74 0.09 -20.09
C ASP A 46 10.27 -0.21 -20.34
N THR A 47 9.98 -1.47 -20.67
CA THR A 47 8.65 -1.87 -21.07
C THR A 47 7.72 -1.86 -19.87
N GLU A 48 6.67 -1.05 -19.92
CA GLU A 48 5.73 -1.02 -18.82
C GLU A 48 4.91 -2.30 -18.82
N ASP A 49 4.51 -2.71 -17.63
CA ASP A 49 3.80 -3.96 -17.45
C ASP A 49 2.44 -3.69 -16.85
N THR A 50 1.46 -4.47 -17.30
CA THR A 50 0.11 -4.36 -16.76
C THR A 50 -0.54 -5.74 -16.81
N ILE A 51 -1.47 -5.97 -15.90
CA ILE A 51 -2.15 -7.26 -15.81
C ILE A 51 -3.61 -7.18 -16.19
N ASN A 52 -4.11 -5.98 -16.51
CA ASN A 52 -5.50 -5.81 -16.90
C ASN A 52 -5.66 -5.93 -18.41
N THR A 53 -5.00 -5.04 -19.13
CA THR A 53 -5.22 -4.83 -20.55
C THR A 53 -4.12 -5.50 -21.34
N ALA A 54 -4.23 -5.43 -22.67
CA ALA A 54 -3.22 -5.97 -23.55
C ALA A 54 -2.55 -4.89 -24.39
N SER A 55 -2.73 -3.62 -24.04
CA SER A 55 -2.01 -2.56 -24.71
C SER A 55 -0.54 -2.60 -24.33
N GLN A 56 0.33 -2.41 -25.32
CA GLN A 56 1.77 -2.58 -25.14
C GLN A 56 2.47 -1.26 -25.41
N SER A 57 2.92 -0.61 -24.35
CA SER A 57 3.74 0.59 -24.46
C SER A 57 5.01 0.41 -23.64
N ASN A 58 5.88 1.40 -23.70
CA ASN A 58 7.12 1.37 -22.93
C ASN A 58 7.40 2.73 -22.34
N ARG A 59 8.13 2.74 -21.24
CA ARG A 59 8.29 3.91 -20.40
C ARG A 59 9.63 4.59 -20.66
N TYR A 60 9.61 5.91 -20.84
CA TYR A 60 10.84 6.69 -20.93
C TYR A 60 11.51 6.76 -19.57
N VAL A 61 12.77 6.31 -19.49
CA VAL A 61 13.44 6.21 -18.20
C VAL A 61 14.41 7.36 -17.99
N ILE A 62 15.48 7.45 -18.79
CA ILE A 62 16.42 8.57 -18.79
C ILE A 62 16.96 8.73 -20.19
N SER A 63 17.66 9.84 -20.41
CA SER A 63 18.34 10.13 -21.66
C SER A 63 19.82 10.27 -21.35
N GLU A 64 20.59 9.22 -21.65
CA GLU A 64 22.04 9.26 -21.49
C GLU A 64 22.62 10.32 -22.42
N PRO A 65 23.53 11.17 -21.94
CA PRO A 65 23.92 12.35 -22.72
C PRO A 65 24.76 12.00 -23.94
N VAL A 66 24.76 12.93 -24.89
CA VAL A 66 25.46 12.72 -26.16
C VAL A 66 26.97 12.79 -25.92
N GLY A 67 27.69 11.82 -26.46
CA GLY A 67 29.13 11.72 -26.28
C GLY A 67 29.85 11.99 -27.59
N LEU A 68 30.95 12.72 -27.51
CA LEU A 68 31.74 13.10 -28.67
C LEU A 68 33.08 12.38 -28.64
N ASN A 69 33.32 11.53 -29.63
CA ASN A 69 34.55 10.75 -29.74
C ASN A 69 35.37 11.30 -30.90
N LEU A 70 36.62 11.64 -30.63
CA LEU A 70 37.51 12.19 -31.64
C LEU A 70 38.95 11.90 -31.24
N THR A 71 39.79 11.68 -32.23
CA THR A 71 41.19 11.32 -32.01
C THR A 71 42.12 12.35 -32.64
N LEU A 72 43.27 12.57 -32.00
CA LEU A 72 44.20 13.60 -32.41
C LEU A 72 45.60 12.98 -32.54
N LEU A 73 46.43 13.60 -33.35
CA LEU A 73 47.82 13.18 -33.51
C LEU A 73 48.73 14.39 -33.44
N PHE A 74 49.81 14.27 -32.69
CA PHE A 74 50.79 15.32 -32.54
C PHE A 74 52.15 14.79 -33.01
N ASP A 75 52.94 15.67 -33.60
CA ASP A 75 54.26 15.30 -34.10
C ASP A 75 55.20 16.48 -33.95
N SER A 76 56.46 16.20 -33.60
CA SER A 76 57.47 17.24 -33.47
C SER A 76 58.78 16.79 -34.09
N GLN A 77 58.70 16.19 -35.27
CA GLN A 77 59.89 15.76 -35.99
C GLN A 77 60.08 16.43 -37.34
N MET A 78 59.00 16.57 -38.11
CA MET A 78 59.06 17.20 -39.42
C MET A 78 59.44 18.67 -39.30
N PRO A 79 60.20 19.20 -40.26
CA PRO A 79 60.84 20.51 -40.04
C PRO A 79 59.91 21.71 -40.05
N GLY A 80 58.59 21.53 -40.23
CA GLY A 80 57.68 22.59 -39.85
C GLY A 80 57.32 22.58 -38.39
N ASN A 81 57.54 21.46 -37.70
CA ASN A 81 57.11 21.26 -36.32
C ASN A 81 58.29 21.56 -35.41
N THR A 82 58.36 22.81 -34.96
CA THR A 82 59.43 23.22 -34.05
C THR A 82 59.05 23.01 -32.59
N THR A 83 57.80 23.25 -32.24
CA THR A 83 57.36 23.14 -30.87
C THR A 83 57.27 21.68 -30.44
N PRO A 84 57.70 21.35 -29.22
CA PRO A 84 57.63 19.96 -28.77
C PRO A 84 56.20 19.55 -28.47
N ILE A 85 55.95 18.24 -28.54
CA ILE A 85 54.59 17.77 -28.34
C ILE A 85 54.26 17.59 -26.88
N GLU A 86 55.21 17.80 -25.98
CA GLU A 86 54.87 17.69 -24.57
C GLU A 86 54.33 18.98 -23.99
N THR A 87 54.71 20.13 -24.56
CA THR A 87 54.06 21.38 -24.17
C THR A 87 52.66 21.50 -24.77
N GLN A 88 52.39 20.77 -25.84
CA GLN A 88 51.05 20.69 -26.40
C GLN A 88 50.18 19.68 -25.68
N LEU A 89 50.77 18.58 -25.24
CA LEU A 89 50.07 17.63 -24.38
C LEU A 89 50.08 18.03 -22.92
N ALA A 90 50.77 19.11 -22.55
CA ALA A 90 50.69 19.59 -21.19
C ALA A 90 49.31 20.13 -20.86
N MET A 91 48.53 20.54 -21.86
CA MET A 91 47.22 21.11 -21.62
C MET A 91 46.08 20.14 -21.87
N LEU A 92 46.23 19.15 -22.75
CA LEU A 92 45.21 18.11 -22.85
C LEU A 92 45.15 17.27 -21.58
N LYS A 93 46.30 17.03 -20.96
CA LYS A 93 46.30 16.32 -19.69
C LYS A 93 45.81 17.22 -18.57
N SER A 94 46.08 18.52 -18.65
CA SER A 94 45.68 19.45 -17.61
C SER A 94 44.20 19.78 -17.69
N LEU A 95 43.73 20.18 -18.87
CA LEU A 95 42.34 20.62 -19.02
C LEU A 95 41.35 19.48 -19.02
N CYS A 96 41.80 18.23 -19.10
CA CYS A 96 40.91 17.08 -19.04
C CYS A 96 41.20 16.23 -17.81
N ALA A 97 41.42 16.88 -16.68
CA ALA A 97 41.61 16.20 -15.41
C ALA A 97 40.97 17.06 -14.32
N VAL A 98 41.21 16.67 -13.07
CA VAL A 98 40.63 17.39 -11.94
C VAL A 98 41.35 18.72 -11.75
N ASP A 99 40.58 19.79 -11.54
CA ASP A 99 41.12 21.10 -11.24
C ASP A 99 41.85 21.07 -9.90
N ALA A 100 42.77 22.00 -9.71
CA ALA A 100 43.60 21.96 -8.51
C ALA A 100 42.86 22.50 -7.29
N ALA A 101 42.12 23.60 -7.45
CA ALA A 101 41.41 24.20 -6.33
C ALA A 101 40.00 23.65 -6.19
N THR A 102 39.34 23.37 -7.30
CA THR A 102 37.98 22.88 -7.35
C THR A 102 38.03 21.37 -7.62
N GLY A 103 37.06 20.62 -7.10
CA GLY A 103 37.03 19.20 -7.37
C GLY A 103 36.59 18.84 -8.77
N SER A 104 35.94 19.74 -9.47
CA SER A 104 35.32 19.44 -10.75
C SER A 104 36.30 19.61 -11.90
N PRO A 105 36.01 19.00 -13.06
CA PRO A 105 36.80 19.28 -14.28
C PRO A 105 36.46 20.61 -14.95
N TYR A 106 37.00 20.83 -16.15
CA TYR A 106 37.13 22.16 -16.74
C TYR A 106 36.11 22.53 -17.81
N PHE A 107 35.09 21.70 -18.06
CA PHE A 107 33.94 22.02 -18.93
C PHE A 107 34.20 22.32 -20.42
N LEU A 108 35.46 22.28 -20.88
CA LEU A 108 35.92 21.81 -22.19
C LEU A 108 35.05 22.08 -23.43
N ARG A 109 34.83 23.34 -23.81
CA ARG A 109 33.96 23.66 -24.93
C ARG A 109 34.70 23.52 -26.26
N ILE A 110 34.42 22.45 -27.00
CA ILE A 110 35.07 22.12 -28.31
C ILE A 110 34.36 22.85 -29.46
N THR A 111 35.12 23.48 -30.35
CA THR A 111 34.52 24.23 -31.50
C THR A 111 35.34 24.00 -32.78
N TRP A 112 34.68 24.10 -33.94
CA TRP A 112 35.28 23.98 -35.30
C TRP A 112 34.73 25.13 -36.16
N GLY A 113 35.37 25.46 -37.27
CA GLY A 113 34.98 26.70 -37.99
C GLY A 113 33.55 26.78 -38.49
N LYS A 114 33.02 25.77 -39.19
CA LYS A 114 31.65 25.90 -39.74
C LYS A 114 30.81 24.68 -39.36
N MET A 115 31.19 23.96 -38.32
CA MET A 115 30.44 22.71 -38.02
C MET A 115 29.48 22.89 -36.84
N ARG A 116 28.18 22.63 -37.08
CA ARG A 116 27.15 22.65 -36.01
C ARG A 116 27.22 21.28 -35.37
N TRP A 117 27.24 21.22 -34.04
CA TRP A 117 27.46 19.97 -33.33
C TRP A 117 26.16 19.33 -32.88
N GLU A 118 25.40 20.01 -32.04
CA GLU A 118 24.07 19.61 -31.59
C GLU A 118 23.13 20.80 -31.70
N ASN A 119 22.93 21.24 -32.94
CA ASN A 119 22.12 22.39 -33.34
C ASN A 119 22.66 23.70 -32.79
N LYS A 120 23.92 23.70 -32.36
CA LYS A 120 24.61 24.88 -31.86
C LYS A 120 26.02 24.87 -32.43
N GLY A 121 26.64 26.03 -32.48
CA GLY A 121 27.97 26.13 -33.05
C GLY A 121 29.09 25.55 -32.22
N TRP A 122 28.81 25.16 -30.99
CA TRP A 122 29.80 24.71 -30.03
C TRP A 122 29.35 23.40 -29.41
N PHE A 123 30.27 22.75 -28.70
CA PHE A 123 29.96 21.53 -27.96
C PHE A 123 30.53 21.67 -26.56
N ALA A 124 29.68 21.92 -25.58
CA ALA A 124 30.13 21.95 -24.20
C ALA A 124 30.31 20.53 -23.69
N GLY A 125 30.74 20.38 -22.45
CA GLY A 125 30.84 19.08 -21.83
C GLY A 125 32.20 18.86 -21.20
N ARG A 126 32.28 17.77 -20.45
CA ARG A 126 33.49 17.43 -19.72
C ARG A 126 34.05 16.12 -20.24
N ALA A 127 35.38 15.99 -20.17
CA ALA A 127 36.06 14.84 -20.75
C ALA A 127 35.84 13.62 -19.87
N ARG A 128 35.18 12.60 -20.41
CA ARG A 128 34.94 11.40 -19.63
C ARG A 128 36.20 10.55 -19.51
N ASP A 129 36.91 10.34 -20.61
CA ASP A 129 38.21 9.69 -20.55
C ASP A 129 39.11 10.22 -21.66
N LEU A 130 40.33 9.69 -21.71
CA LEU A 130 41.46 10.27 -22.41
C LEU A 130 42.59 9.27 -22.38
N SER A 131 43.38 9.19 -23.46
CA SER A 131 44.47 8.23 -23.49
C SER A 131 45.54 8.72 -24.46
N VAL A 132 46.76 8.91 -23.96
CA VAL A 132 47.90 9.25 -24.80
C VAL A 132 48.83 8.05 -24.88
N THR A 133 49.23 7.70 -26.10
CA THR A 133 50.07 6.53 -26.37
C THR A 133 51.25 6.94 -27.26
N TYR A 134 52.40 7.15 -26.64
CA TYR A 134 53.52 7.75 -27.35
C TYR A 134 54.25 6.66 -28.11
N THR A 135 54.29 6.77 -29.43
CA THR A 135 54.76 5.66 -30.25
C THR A 135 56.14 5.87 -30.85
N LEU A 136 56.78 7.03 -30.64
CA LEU A 136 58.07 7.27 -31.26
C LEU A 136 58.87 8.23 -30.38
N PHE A 137 60.12 7.88 -30.13
CA PHE A 137 61.00 8.60 -29.22
C PHE A 137 62.32 8.88 -29.93
N ASP A 138 63.15 9.72 -29.33
CA ASP A 138 64.52 9.91 -29.77
C ASP A 138 65.47 9.47 -28.65
N ARG A 139 66.75 9.86 -28.76
CA ARG A 139 67.82 9.24 -27.98
C ARG A 139 67.65 9.43 -26.48
N ASP A 140 67.25 10.62 -26.04
CA ASP A 140 66.89 10.85 -24.65
C ASP A 140 65.39 10.73 -24.41
N ALA A 141 64.63 10.41 -25.46
CA ALA A 141 63.18 10.27 -25.46
C ALA A 141 62.48 11.51 -24.96
N THR A 142 62.72 12.60 -25.65
CA THR A 142 61.67 13.56 -25.87
C THR A 142 60.68 12.83 -26.77
N PRO A 143 59.40 12.76 -26.44
CA PRO A 143 58.46 12.04 -27.30
C PRO A 143 58.20 12.78 -28.59
N LEU A 144 57.84 12.03 -29.63
CA LEU A 144 57.61 12.58 -30.95
C LEU A 144 56.27 12.23 -31.57
N ARG A 145 55.49 11.31 -31.00
CA ARG A 145 54.12 11.04 -31.46
C ARG A 145 53.22 10.93 -30.25
N ALA A 146 51.93 11.25 -30.42
CA ALA A 146 51.02 11.28 -29.29
C ALA A 146 49.85 10.31 -29.40
N THR A 147 49.03 10.41 -30.44
CA THR A 147 47.82 9.60 -30.68
C THR A 147 46.86 9.68 -29.48
N VAL A 148 46.27 10.86 -29.33
CA VAL A 148 45.32 11.13 -28.26
C VAL A 148 43.92 10.66 -28.67
N GLN A 149 43.12 10.24 -27.69
CA GLN A 149 41.84 9.56 -27.92
C GLN A 149 40.77 10.10 -26.98
N LEU A 150 40.51 11.41 -27.05
CA LEU A 150 39.46 12.10 -26.29
C LEU A 150 38.06 11.51 -26.37
N SER A 151 37.26 11.79 -25.34
CA SER A 151 35.84 11.46 -25.31
C SER A 151 35.16 12.34 -24.26
N LEU A 152 34.01 12.92 -24.62
CA LEU A 152 33.35 13.95 -23.84
C LEU A 152 31.89 13.58 -23.58
N VAL A 153 31.19 14.42 -22.82
CA VAL A 153 29.76 14.30 -22.52
C VAL A 153 29.06 15.62 -22.83
N ALA A 154 27.79 15.76 -22.46
CA ALA A 154 27.00 16.89 -22.95
C ALA A 154 27.23 18.18 -22.16
N ASP A 155 26.82 18.20 -20.88
CA ASP A 155 27.00 19.28 -19.88
C ASP A 155 26.86 20.71 -20.41
N GLU A 156 25.69 20.97 -21.00
CA GLU A 156 25.38 22.35 -21.46
C GLU A 156 25.25 23.25 -20.22
N SER A 157 25.25 24.57 -20.39
CA SER A 157 25.10 25.46 -19.21
C SER A 157 23.62 25.50 -18.81
N PHE A 158 23.33 25.85 -17.56
CA PHE A 158 21.90 25.84 -17.09
C PHE A 158 21.10 27.00 -17.69
N VAL A 159 21.76 28.06 -18.15
CA VAL A 159 21.05 29.21 -18.78
C VAL A 159 20.67 28.84 -20.21
N ILE A 160 21.65 28.43 -21.03
CA ILE A 160 21.40 28.03 -22.45
C ILE A 160 20.22 27.05 -22.49
N GLN A 161 20.20 26.08 -21.59
CA GLN A 161 19.09 25.13 -21.49
C GLN A 161 17.79 25.79 -21.05
N GLN A 162 17.87 26.97 -20.43
CA GLN A 162 16.67 27.68 -20.01
C GLN A 162 15.99 28.38 -21.18
N SER A 163 16.78 28.97 -22.08
CA SER A 163 16.19 29.71 -23.19
C SER A 163 15.62 28.79 -24.25
N LEU A 164 16.16 27.58 -24.37
CA LEU A 164 15.72 26.67 -25.43
C LEU A 164 14.34 26.10 -25.15
N LYS A 165 13.93 26.01 -23.90
CA LYS A 165 12.55 25.66 -23.60
C LYS A 165 11.67 26.88 -23.44
N THR A 166 12.20 28.08 -23.71
CA THR A 166 11.34 29.25 -23.81
C THR A 166 10.84 29.43 -25.24
N GLN A 167 11.67 29.11 -26.24
CA GLN A 167 11.20 29.15 -27.61
C GLN A 167 10.25 28.01 -27.96
N SER A 168 10.16 26.99 -27.13
CA SER A 168 9.22 25.89 -27.32
C SER A 168 8.26 25.85 -26.14
N ALA A 169 6.96 25.90 -26.44
CA ALA A 169 5.88 26.06 -25.47
C ALA A 169 6.06 27.29 -24.58
N PRO A 170 5.80 28.50 -25.09
CA PRO A 170 5.87 29.69 -24.23
C PRO A 170 4.74 29.76 -23.23
N ASP A 171 4.72 30.86 -22.47
CA ASP A 171 3.63 31.06 -21.51
C ASP A 171 2.30 31.36 -22.21
N ARG A 172 2.28 32.26 -23.19
CA ARG A 172 1.05 32.63 -23.88
C ARG A 172 1.16 32.29 -25.37
N ALA A 173 0.04 31.90 -25.96
CA ALA A 173 0.05 31.28 -27.29
C ALA A 173 -0.02 32.31 -28.41
N LEU A 174 -1.09 33.13 -28.42
CA LEU A 174 -1.43 34.06 -29.50
C LEU A 174 -1.60 33.30 -30.83
N VAL A 175 -2.67 32.53 -30.88
CA VAL A 175 -3.03 31.78 -32.08
C VAL A 175 -3.92 32.67 -32.95
N SER A 176 -3.89 32.46 -34.26
CA SER A 176 -4.66 33.25 -35.21
C SER A 176 -5.99 32.58 -35.50
N VAL A 177 -6.80 33.26 -36.30
CA VAL A 177 -8.12 32.76 -36.71
C VAL A 177 -8.13 32.64 -38.23
N PRO A 178 -8.21 31.43 -38.78
CA PRO A 178 -8.29 31.30 -40.23
C PRO A 178 -9.70 31.48 -40.75
N ASP A 179 -9.90 31.27 -42.05
CA ASP A 179 -11.22 31.33 -42.63
C ASP A 179 -11.99 30.04 -42.31
N LEU A 180 -13.31 30.19 -42.17
CA LEU A 180 -14.23 29.10 -41.79
C LEU A 180 -13.82 28.46 -40.46
N ALA A 181 -13.41 29.28 -39.51
CA ALA A 181 -12.85 28.76 -38.27
C ALA A 181 -13.94 28.27 -37.34
N SER A 182 -13.51 27.59 -36.28
CA SER A 182 -14.39 27.06 -35.26
C SER A 182 -13.58 26.86 -33.99
N LEU A 183 -14.23 27.11 -32.85
CA LEU A 183 -13.54 26.97 -31.57
C LEU A 183 -13.03 25.58 -31.19
N PRO A 184 -13.65 24.45 -31.57
CA PRO A 184 -12.96 23.17 -31.37
C PRO A 184 -11.69 23.03 -32.17
N LEU A 185 -11.54 23.75 -33.29
CA LEU A 185 -10.31 23.72 -34.07
C LEU A 185 -9.37 24.87 -33.74
N LEU A 186 -9.89 25.98 -33.23
CA LEU A 186 -9.00 27.03 -32.74
C LEU A 186 -8.32 26.64 -31.44
N ALA A 187 -9.02 25.89 -30.58
CA ALA A 187 -8.43 25.36 -29.36
C ALA A 187 -7.63 24.11 -29.58
N LEU A 188 -7.66 23.56 -30.79
CA LEU A 188 -6.85 22.39 -31.12
C LEU A 188 -5.49 22.79 -31.66
N SER A 189 -5.41 23.93 -32.36
CA SER A 189 -4.15 24.47 -32.80
C SER A 189 -3.49 25.33 -31.73
N ALA A 190 -4.27 25.91 -30.83
CA ALA A 190 -3.70 26.62 -29.69
C ALA A 190 -3.15 25.65 -28.66
N GLY A 191 -3.72 24.47 -28.56
CA GLY A 191 -3.16 23.44 -27.70
C GLY A 191 -1.98 22.70 -28.28
N GLY A 192 -1.55 23.07 -29.47
CA GLY A 192 -0.36 22.49 -30.06
C GLY A 192 0.83 23.39 -29.89
N VAL A 193 0.58 24.69 -29.74
CA VAL A 193 1.64 25.63 -29.40
C VAL A 193 2.04 25.47 -27.95
N LEU A 194 1.06 25.38 -27.06
CA LEU A 194 1.31 25.28 -25.64
C LEU A 194 1.57 23.85 -25.18
N ALA A 195 1.17 22.86 -25.98
CA ALA A 195 1.22 21.43 -25.65
C ALA A 195 0.52 21.12 -24.33
N SER A 196 -0.66 21.74 -24.13
CA SER A 196 -1.36 21.60 -22.85
C SER A 196 -2.86 21.42 -22.98
N SER A 197 -3.40 21.26 -24.20
CA SER A 197 -4.78 20.85 -24.48
C SER A 197 -5.81 21.81 -23.88
N VAL A 198 -5.81 23.05 -24.40
CA VAL A 198 -6.74 24.06 -23.93
C VAL A 198 -8.15 23.73 -24.40
N ASP A 199 -9.11 23.89 -23.50
CA ASP A 199 -10.50 23.60 -23.84
C ASP A 199 -11.08 24.76 -24.65
N TYR A 200 -12.12 24.47 -25.45
CA TYR A 200 -12.76 25.52 -26.23
C TYR A 200 -13.48 26.51 -25.33
N LEU A 201 -14.03 26.02 -24.22
CA LEU A 201 -14.84 26.86 -23.34
C LEU A 201 -13.99 27.85 -22.58
N SER A 202 -12.84 27.40 -22.08
CA SER A 202 -11.94 28.30 -21.36
C SER A 202 -11.13 29.18 -22.29
N LEU A 203 -10.93 28.76 -23.54
CA LEU A 203 -10.40 29.67 -24.55
C LEU A 203 -11.40 30.79 -24.86
N ALA A 204 -12.70 30.48 -24.77
CA ALA A 204 -13.71 31.50 -25.01
C ALA A 204 -13.83 32.48 -23.86
N TRP A 205 -13.64 32.04 -22.62
CA TRP A 205 -13.76 32.92 -21.47
C TRP A 205 -12.56 33.85 -21.35
N ASP A 206 -11.39 33.43 -21.82
CA ASP A 206 -10.18 34.25 -21.70
C ASP A 206 -10.27 35.50 -22.57
N ASN A 207 -10.81 35.36 -23.77
CA ASN A 207 -10.93 36.49 -24.68
C ASN A 207 -12.22 37.28 -24.47
N ASP A 208 -13.08 36.84 -23.55
CA ASP A 208 -14.38 37.44 -23.24
C ASP A 208 -15.27 37.56 -24.47
N LEU A 209 -15.15 36.63 -25.41
CA LEU A 209 -15.98 36.72 -26.60
C LEU A 209 -17.40 36.24 -26.29
N ASP A 210 -18.33 36.71 -27.09
CA ASP A 210 -19.73 36.75 -26.69
C ASP A 210 -20.43 35.42 -26.96
N ASN A 211 -20.34 34.92 -28.20
CA ASN A 211 -21.35 34.01 -28.73
C ASN A 211 -20.77 32.68 -29.19
N LEU A 212 -19.54 32.35 -28.77
CA LEU A 212 -18.72 31.24 -29.25
C LEU A 212 -18.40 31.31 -30.75
N ASP A 213 -18.68 32.43 -31.42
CA ASP A 213 -18.45 32.63 -32.84
C ASP A 213 -18.01 34.05 -33.13
N ASP A 214 -17.40 34.72 -32.16
CA ASP A 214 -17.12 36.15 -32.23
C ASP A 214 -15.77 36.45 -32.88
N PHE A 215 -15.10 35.44 -33.41
CA PHE A 215 -13.93 35.64 -34.24
C PHE A 215 -14.33 35.98 -35.68
N GLN A 216 -13.52 36.79 -36.34
CA GLN A 216 -13.88 37.41 -37.61
C GLN A 216 -12.72 37.33 -38.60
N THR A 217 -12.16 36.11 -38.75
CA THR A 217 -11.17 35.68 -39.78
C THR A 217 -10.04 36.70 -40.04
N GLY A 218 -9.20 36.87 -39.03
CA GLY A 218 -8.15 37.87 -39.14
C GLY A 218 -7.82 38.54 -37.83
N ASP A 219 -8.60 38.23 -36.79
CA ASP A 219 -8.30 38.66 -35.44
C ASP A 219 -7.57 37.56 -34.68
N PHE A 220 -6.89 37.96 -33.60
CA PHE A 220 -6.03 37.07 -32.84
C PHE A 220 -6.62 36.85 -31.46
N LEU A 221 -6.77 35.59 -31.07
CA LEU A 221 -7.27 35.23 -29.75
C LEU A 221 -6.21 34.44 -29.01
N ARG A 222 -6.03 34.75 -27.74
CA ARG A 222 -4.92 34.25 -26.95
C ARG A 222 -5.32 33.03 -26.13
N ALA A 223 -4.40 32.09 -26.02
CA ALA A 223 -4.55 30.94 -25.16
C ALA A 223 -3.47 30.95 -24.10
N THR A 224 -3.80 30.42 -22.92
CA THR A 224 -2.87 30.40 -21.80
C THR A 224 -2.71 29.00 -21.26
N SER B 2 6.28 -0.33 -59.28
CA SER B 2 6.20 -0.08 -60.71
C SER B 2 4.78 0.29 -61.13
N LEU B 3 4.40 -0.20 -62.32
CA LEU B 3 3.08 -0.20 -62.94
C LEU B 3 2.61 1.16 -63.45
N LEU B 4 3.28 2.25 -63.05
CA LEU B 4 3.00 3.54 -63.67
C LEU B 4 4.28 4.20 -64.16
N GLU B 5 5.28 4.29 -63.30
CA GLU B 5 6.47 5.10 -63.59
C GLU B 5 7.63 4.60 -62.74
N ARG B 6 8.78 5.25 -62.89
CA ARG B 6 10.05 4.74 -62.37
C ARG B 6 10.74 5.71 -61.41
N GLY B 7 10.02 6.67 -60.83
CA GLY B 7 10.62 7.54 -59.86
C GLY B 7 10.75 6.88 -58.50
N LEU B 8 11.80 7.24 -57.78
CA LEU B 8 12.04 6.67 -56.46
C LEU B 8 11.05 7.20 -55.44
N SER B 9 10.89 6.43 -54.36
CA SER B 9 10.13 6.85 -53.20
C SER B 9 11.06 6.78 -51.99
N LYS B 10 11.45 7.94 -51.47
CA LYS B 10 12.31 8.00 -50.30
C LYS B 10 11.53 7.61 -49.05
N LEU B 11 12.23 7.45 -47.94
CA LEU B 11 11.54 7.26 -46.68
C LEU B 11 11.36 8.59 -45.98
N THR B 12 10.26 8.71 -45.24
CA THR B 12 9.90 9.95 -44.56
C THR B 12 9.77 9.66 -43.07
N LEU B 13 10.40 10.50 -42.25
CA LEU B 13 10.37 10.38 -40.80
C LEU B 13 9.48 11.49 -40.25
N ASN B 14 8.25 11.14 -39.89
CA ASN B 14 7.30 12.08 -39.32
C ASN B 14 7.40 12.03 -37.81
N ALA B 15 7.17 13.18 -37.17
CA ALA B 15 7.25 13.26 -35.72
C ALA B 15 6.02 13.95 -35.16
N TRP B 16 5.67 13.57 -33.93
CA TRP B 16 4.55 14.18 -33.20
C TRP B 16 4.99 14.65 -31.83
N LYS B 17 4.07 14.95 -30.97
CA LYS B 17 4.50 15.18 -29.58
C LYS B 17 3.76 14.28 -28.61
N ASP B 18 2.47 14.07 -28.81
CA ASP B 18 1.67 13.15 -28.03
C ASP B 18 1.80 11.73 -28.58
N ARG B 19 1.16 10.80 -27.88
CA ARG B 19 1.13 9.41 -28.33
C ARG B 19 0.37 9.28 -29.64
N GLU B 20 -0.73 10.01 -29.79
CA GLU B 20 -1.54 10.00 -31.00
C GLU B 20 -1.01 10.99 -32.02
N GLY B 21 -1.76 11.16 -33.10
CA GLY B 21 -1.39 12.06 -34.16
C GLY B 21 -1.93 13.47 -34.08
N LYS B 22 -2.30 13.95 -32.89
CA LYS B 22 -3.00 15.23 -32.81
C LYS B 22 -2.04 16.42 -32.93
N ILE B 23 -0.85 16.31 -32.36
CA ILE B 23 0.09 17.45 -32.33
C ILE B 23 1.31 17.14 -33.20
N PRO B 24 1.36 17.61 -34.45
CA PRO B 24 2.52 17.29 -35.29
C PRO B 24 3.73 18.15 -34.96
N ALA B 25 4.88 17.49 -34.82
CA ALA B 25 6.19 18.14 -34.81
C ALA B 25 6.71 18.18 -36.24
N GLY B 26 8.01 18.44 -36.43
CA GLY B 26 8.60 18.45 -37.75
C GLY B 26 8.59 17.08 -38.43
N SER B 27 9.00 17.08 -39.70
CA SER B 27 8.88 15.88 -40.53
C SER B 27 9.86 15.98 -41.68
N MET B 28 10.85 15.09 -41.72
CA MET B 28 11.84 15.11 -42.78
C MET B 28 11.74 13.84 -43.63
N SER B 29 12.13 13.98 -44.89
CA SER B 29 12.38 12.85 -45.77
C SER B 29 13.87 12.75 -46.02
N ALA B 30 14.42 11.56 -45.92
CA ALA B 30 15.86 11.37 -45.99
C ALA B 30 16.25 10.79 -47.33
N MET B 31 17.20 11.44 -48.01
CA MET B 31 17.73 10.92 -49.26
C MET B 31 18.64 9.72 -48.97
N TYR B 32 19.00 9.01 -50.05
CA TYR B 32 19.89 7.85 -50.02
C TYR B 32 19.37 6.75 -49.11
N ASN B 33 18.35 6.03 -49.60
CA ASN B 33 17.65 4.94 -48.92
C ASN B 33 18.59 3.94 -48.24
N PRO B 34 18.13 3.25 -47.18
CA PRO B 34 19.06 2.52 -46.30
C PRO B 34 19.85 1.34 -46.86
N GLU B 35 19.43 0.74 -47.98
CA GLU B 35 19.89 -0.52 -48.63
C GLU B 35 19.36 -1.75 -47.90
N THR B 36 19.14 -1.69 -46.59
CA THR B 36 18.71 -2.82 -45.76
C THR B 36 18.02 -2.30 -44.52
N ILE B 37 16.84 -2.80 -44.22
CA ILE B 37 16.21 -2.60 -42.93
C ILE B 37 16.35 -3.89 -42.14
N GLN B 38 16.01 -3.82 -40.86
CA GLN B 38 16.00 -5.01 -40.02
C GLN B 38 15.08 -4.73 -38.85
N LEU B 39 14.07 -5.57 -38.67
CA LEU B 39 13.23 -5.47 -37.49
C LEU B 39 13.25 -6.79 -36.74
N ASP B 40 13.71 -6.74 -35.49
CA ASP B 40 13.92 -7.91 -34.66
C ASP B 40 12.76 -8.04 -33.67
N TYR B 41 12.12 -9.20 -33.67
CA TYR B 41 11.14 -9.49 -32.64
C TYR B 41 11.80 -10.36 -31.58
N GLN B 42 11.25 -10.34 -30.36
CA GLN B 42 11.74 -11.19 -29.30
C GLN B 42 10.67 -11.33 -28.23
N THR B 43 10.46 -12.55 -27.77
CA THR B 43 9.48 -12.88 -26.75
C THR B 43 10.19 -13.63 -25.64
N ARG B 44 9.98 -13.21 -24.39
CA ARG B 44 10.68 -13.79 -23.26
C ARG B 44 9.81 -14.84 -22.58
N PHE B 45 10.37 -16.04 -22.40
CA PHE B 45 9.71 -17.14 -21.72
C PHE B 45 10.52 -17.54 -20.49
N ASP B 46 9.83 -18.00 -19.46
CA ASP B 46 10.47 -18.52 -18.25
C ASP B 46 9.98 -19.93 -17.97
N THR B 47 10.91 -20.83 -17.67
CA THR B 47 10.58 -22.25 -17.51
C THR B 47 9.95 -22.50 -16.15
N GLU B 48 8.88 -23.29 -16.14
CA GLU B 48 8.24 -23.70 -14.90
C GLU B 48 9.07 -24.77 -14.21
N ASP B 49 9.61 -24.46 -13.04
CA ASP B 49 10.32 -25.44 -12.23
C ASP B 49 9.39 -26.07 -11.17
N THR B 50 8.33 -26.69 -11.67
CA THR B 50 7.34 -27.29 -10.80
C THR B 50 7.90 -28.54 -10.13
N ILE B 51 7.48 -28.78 -8.88
CA ILE B 51 8.05 -29.90 -8.13
C ILE B 51 7.36 -31.21 -8.52
N ASN B 52 6.18 -31.13 -9.14
CA ASN B 52 5.38 -32.33 -9.35
C ASN B 52 5.95 -33.22 -10.45
N THR B 53 6.74 -32.64 -11.37
CA THR B 53 7.50 -33.34 -12.43
C THR B 53 6.60 -34.12 -13.38
N ALA B 54 5.35 -33.69 -13.53
CA ALA B 54 4.47 -34.33 -14.50
C ALA B 54 4.78 -33.87 -15.91
N SER B 55 5.16 -32.60 -16.07
CA SER B 55 5.22 -31.95 -17.37
C SER B 55 6.39 -30.98 -17.40
N GLN B 56 6.89 -30.73 -18.61
CA GLN B 56 7.85 -29.67 -18.88
C GLN B 56 7.18 -28.58 -19.70
N SER B 57 7.29 -27.34 -19.23
CA SER B 57 6.62 -26.22 -19.88
C SER B 57 7.33 -24.93 -19.50
N ASN B 58 6.94 -23.86 -20.19
CA ASN B 58 7.50 -22.55 -19.89
C ASN B 58 6.45 -21.47 -20.13
N ARG B 59 6.37 -20.54 -19.18
CA ARG B 59 5.36 -19.50 -19.20
C ARG B 59 5.72 -18.40 -20.20
N TYR B 60 4.74 -17.57 -20.51
CA TYR B 60 4.95 -16.34 -21.26
C TYR B 60 5.00 -15.17 -20.29
N VAL B 61 6.06 -14.37 -20.38
CA VAL B 61 6.23 -13.28 -19.42
C VAL B 61 5.88 -11.95 -20.05
N ILE B 62 6.68 -11.49 -21.01
CA ILE B 62 6.44 -10.26 -21.77
C ILE B 62 7.05 -10.41 -23.14
N SER B 63 6.45 -9.72 -24.11
CA SER B 63 6.99 -9.62 -25.46
C SER B 63 7.72 -8.30 -25.58
N GLU B 64 9.02 -8.38 -25.89
CA GLU B 64 9.83 -7.18 -26.07
C GLU B 64 9.33 -6.39 -27.27
N PRO B 65 9.44 -5.07 -27.27
CA PRO B 65 8.92 -4.28 -28.38
C PRO B 65 9.76 -4.50 -29.63
N VAL B 66 9.09 -4.44 -30.79
CA VAL B 66 9.78 -4.57 -32.06
C VAL B 66 10.72 -3.41 -32.23
N GLY B 67 11.99 -3.71 -32.48
CA GLY B 67 13.01 -2.71 -32.69
C GLY B 67 13.45 -2.72 -34.14
N LEU B 68 13.64 -1.53 -34.71
CA LEU B 68 13.99 -1.38 -36.11
C LEU B 68 15.38 -0.79 -36.21
N ASN B 69 16.25 -1.42 -37.00
CA ASN B 69 17.57 -0.91 -37.28
C ASN B 69 17.66 -0.49 -38.74
N LEU B 70 18.38 0.60 -38.98
CA LEU B 70 18.31 1.33 -40.23
C LEU B 70 19.50 2.27 -40.32
N THR B 71 20.20 2.29 -41.44
CA THR B 71 21.42 3.07 -41.56
C THR B 71 21.36 3.96 -42.79
N LEU B 72 21.64 5.24 -42.60
CA LEU B 72 21.50 6.23 -43.65
C LEU B 72 22.86 6.81 -44.01
N LEU B 73 22.87 7.63 -45.06
CA LEU B 73 24.08 8.33 -45.49
C LEU B 73 23.67 9.63 -46.14
N PHE B 74 24.38 10.69 -45.79
CA PHE B 74 24.19 12.00 -46.38
C PHE B 74 25.50 12.46 -46.98
N ASP B 75 25.41 13.30 -48.01
CA ASP B 75 26.58 13.77 -48.74
C ASP B 75 26.21 15.02 -49.53
N SER B 76 26.97 16.09 -49.33
CA SER B 76 26.81 17.27 -50.19
C SER B 76 28.18 17.76 -50.66
N GLN B 77 28.74 17.09 -51.67
CA GLN B 77 29.70 17.75 -52.55
C GLN B 77 29.53 17.37 -54.02
N MET B 78 28.88 16.25 -54.33
CA MET B 78 28.55 15.94 -55.70
C MET B 78 27.58 16.98 -56.24
N PRO B 79 27.73 17.40 -57.50
CA PRO B 79 27.09 18.66 -57.93
C PRO B 79 25.58 18.59 -58.11
N GLY B 80 24.96 17.42 -57.97
CA GLY B 80 23.52 17.39 -57.76
C GLY B 80 23.14 17.74 -56.34
N ASN B 81 24.03 17.49 -55.39
CA ASN B 81 23.75 17.67 -53.97
C ASN B 81 24.20 19.07 -53.56
N THR B 82 23.24 19.96 -53.32
CA THR B 82 23.55 21.34 -52.98
C THR B 82 23.09 21.76 -51.59
N THR B 83 22.10 21.10 -51.01
CA THR B 83 21.71 21.42 -49.63
C THR B 83 22.77 20.89 -48.69
N PRO B 84 23.28 21.71 -47.78
CA PRO B 84 24.31 21.23 -46.85
C PRO B 84 23.72 20.23 -45.86
N ILE B 85 24.52 19.22 -45.51
CA ILE B 85 23.96 18.10 -44.75
C ILE B 85 23.73 18.44 -43.29
N GLU B 86 24.17 19.61 -42.83
CA GLU B 86 23.81 20.02 -41.47
C GLU B 86 22.37 20.47 -41.37
N THR B 87 21.76 20.96 -42.44
CA THR B 87 20.34 21.28 -42.37
C THR B 87 19.50 20.02 -42.37
N GLN B 88 20.03 18.94 -42.96
CA GLN B 88 19.33 17.67 -42.95
C GLN B 88 19.58 16.87 -41.69
N LEU B 89 20.72 17.11 -41.03
CA LEU B 89 20.99 16.50 -39.75
C LEU B 89 20.55 17.34 -38.57
N ALA B 90 20.15 18.60 -38.79
CA ALA B 90 19.55 19.37 -37.71
C ALA B 90 18.14 18.92 -37.40
N MET B 91 17.58 18.02 -38.18
CA MET B 91 16.27 17.44 -37.93
C MET B 91 16.37 16.07 -37.30
N LEU B 92 17.27 15.20 -37.75
CA LEU B 92 17.47 13.91 -37.10
C LEU B 92 17.99 14.05 -35.68
N LYS B 93 18.94 14.96 -35.47
CA LYS B 93 19.43 15.22 -34.11
C LYS B 93 18.35 15.84 -33.25
N SER B 94 17.41 16.57 -33.85
CA SER B 94 16.34 17.20 -33.09
C SER B 94 15.20 16.23 -32.82
N LEU B 95 14.76 15.49 -33.83
CA LEU B 95 13.59 14.63 -33.66
C LEU B 95 13.90 13.36 -32.88
N CYS B 96 15.17 12.96 -32.81
CA CYS B 96 15.55 11.77 -32.04
C CYS B 96 16.17 12.15 -30.71
N ALA B 97 15.65 13.21 -30.09
CA ALA B 97 16.11 13.68 -28.79
C ALA B 97 14.92 14.20 -28.01
N VAL B 98 15.19 14.66 -26.79
CA VAL B 98 14.15 15.10 -25.88
C VAL B 98 13.66 16.48 -26.31
N ASP B 99 12.34 16.64 -26.41
CA ASP B 99 11.80 17.92 -26.85
C ASP B 99 11.85 18.94 -25.73
N ALA B 100 12.01 20.21 -26.11
CA ALA B 100 12.10 21.27 -25.13
C ALA B 100 10.75 21.58 -24.50
N ALA B 101 9.65 21.26 -25.18
CA ALA B 101 8.32 21.64 -24.69
C ALA B 101 7.92 20.78 -23.50
N THR B 102 8.00 19.46 -23.65
CA THR B 102 7.43 18.55 -22.67
C THR B 102 8.46 17.73 -21.90
N GLY B 103 9.64 17.49 -22.46
CA GLY B 103 10.61 16.66 -21.78
C GLY B 103 10.41 15.19 -22.06
N SER B 104 10.38 14.81 -23.33
CA SER B 104 10.10 13.44 -23.76
C SER B 104 10.59 13.29 -25.19
N PRO B 105 10.70 12.07 -25.69
CA PRO B 105 10.92 11.91 -27.13
C PRO B 105 9.68 12.22 -27.98
N TYR B 106 9.82 12.15 -29.31
CA TYR B 106 8.86 12.75 -30.22
C TYR B 106 7.88 11.80 -30.90
N PHE B 107 7.89 10.51 -30.59
CA PHE B 107 6.94 9.52 -31.15
C PHE B 107 6.99 9.50 -32.68
N LEU B 108 8.12 9.04 -33.18
CA LEU B 108 8.40 9.06 -34.61
C LEU B 108 7.50 8.06 -35.35
N ARG B 109 7.45 8.21 -36.67
CA ARG B 109 6.72 7.24 -37.50
C ARG B 109 7.44 7.13 -38.83
N ILE B 110 8.15 6.01 -39.05
CA ILE B 110 8.89 5.73 -40.32
C ILE B 110 7.93 5.17 -41.37
N THR B 111 8.02 5.64 -42.62
CA THR B 111 7.15 5.09 -43.70
C THR B 111 7.93 5.00 -45.02
N TRP B 112 7.59 4.01 -45.86
CA TRP B 112 8.20 3.79 -47.20
C TRP B 112 7.05 3.61 -48.21
N GLY B 113 7.29 3.81 -49.51
CA GLY B 113 6.14 3.85 -50.44
C GLY B 113 5.28 2.60 -50.48
N LYS B 114 5.86 1.41 -50.64
CA LYS B 114 5.00 0.20 -50.69
C LYS B 114 5.42 -0.79 -49.63
N MET B 115 6.45 -0.46 -48.85
CA MET B 115 6.91 -1.42 -47.82
C MET B 115 5.86 -1.46 -46.70
N ARG B 116 5.44 -2.66 -46.32
CA ARG B 116 4.47 -2.78 -45.21
C ARG B 116 5.24 -3.27 -43.99
N TRP B 117 5.32 -2.41 -42.96
CA TRP B 117 5.99 -2.76 -41.72
C TRP B 117 5.10 -3.76 -41.00
N GLU B 118 5.41 -4.07 -39.73
CA GLU B 118 5.09 -5.32 -39.02
C GLU B 118 3.74 -5.98 -39.32
N ASN B 119 2.63 -5.22 -39.30
CA ASN B 119 1.44 -5.58 -40.08
C ASN B 119 0.73 -4.35 -40.64
N LYS B 120 1.36 -3.19 -40.61
CA LYS B 120 0.72 -1.94 -40.98
C LYS B 120 1.59 -1.21 -41.99
N GLY B 121 1.05 -0.15 -42.57
CA GLY B 121 1.77 0.62 -43.55
C GLY B 121 2.75 1.63 -43.01
N TRP B 122 2.94 1.64 -41.69
CA TRP B 122 3.81 2.59 -41.01
C TRP B 122 4.48 1.88 -39.85
N PHE B 123 5.55 2.47 -39.34
CA PHE B 123 6.23 1.96 -38.16
C PHE B 123 6.28 3.07 -37.13
N ALA B 124 5.42 2.97 -36.11
CA ALA B 124 5.44 3.97 -35.04
C ALA B 124 6.60 3.69 -34.10
N GLY B 125 6.78 4.55 -33.09
CA GLY B 125 7.75 4.30 -32.06
C GLY B 125 8.68 5.46 -31.84
N ARG B 126 9.58 5.29 -30.88
CA ARG B 126 10.51 6.31 -30.45
C ARG B 126 11.94 5.83 -30.64
N ALA B 127 12.88 6.78 -30.65
CA ALA B 127 14.26 6.50 -31.02
C ALA B 127 15.06 6.05 -29.81
N ARG B 128 15.50 4.80 -29.83
CA ARG B 128 16.36 4.26 -28.79
C ARG B 128 17.79 4.75 -28.91
N ASP B 129 18.24 5.01 -30.14
CA ASP B 129 19.67 5.13 -30.43
C ASP B 129 19.84 5.95 -31.69
N LEU B 130 21.00 6.60 -31.78
CA LEU B 130 21.36 7.47 -32.90
C LEU B 130 22.85 7.72 -32.79
N SER B 131 23.56 7.62 -33.91
CA SER B 131 24.99 7.94 -33.89
C SER B 131 25.40 8.45 -35.24
N VAL B 132 25.82 9.71 -35.30
CA VAL B 132 26.36 10.30 -36.52
C VAL B 132 27.87 10.29 -36.43
N THR B 133 28.51 9.93 -37.54
CA THR B 133 29.98 9.83 -37.61
C THR B 133 30.48 10.49 -38.89
N TYR B 134 30.87 11.77 -38.78
CA TYR B 134 31.24 12.54 -39.95
C TYR B 134 32.65 12.10 -40.38
N THR B 135 32.83 11.84 -41.66
CA THR B 135 34.09 11.27 -42.12
C THR B 135 34.88 12.17 -43.04
N LEU B 136 34.24 13.06 -43.78
CA LEU B 136 34.95 13.99 -44.64
C LEU B 136 34.61 15.39 -44.15
N PHE B 137 35.38 16.39 -44.57
CA PHE B 137 35.17 17.77 -44.14
C PHE B 137 35.56 18.70 -45.29
N ASP B 138 35.65 20.00 -44.99
CA ASP B 138 36.15 21.00 -45.94
C ASP B 138 37.23 21.80 -45.23
N ARG B 139 37.76 22.83 -45.90
CA ARG B 139 38.84 23.64 -45.34
C ARG B 139 38.37 24.41 -44.11
N ASP B 140 37.17 25.00 -44.18
CA ASP B 140 36.50 25.56 -43.00
C ASP B 140 35.69 24.53 -42.25
N ALA B 141 35.65 23.30 -42.75
CA ALA B 141 34.94 22.15 -42.17
C ALA B 141 33.43 22.38 -42.06
N THR B 142 32.82 22.65 -43.20
CA THR B 142 31.47 22.18 -43.41
C THR B 142 31.58 20.67 -43.63
N PRO B 143 30.80 19.85 -42.92
CA PRO B 143 31.06 18.41 -42.91
C PRO B 143 30.90 17.65 -44.22
N LEU B 144 29.72 17.66 -44.82
CA LEU B 144 29.44 17.10 -46.16
C LEU B 144 29.79 15.60 -46.32
N ARG B 145 29.64 14.80 -45.23
CA ARG B 145 29.50 13.33 -45.24
C ARG B 145 29.06 12.84 -43.87
N ALA B 146 28.00 12.02 -43.75
CA ALA B 146 27.36 11.85 -42.45
C ALA B 146 27.37 10.44 -41.87
N THR B 147 26.78 9.44 -42.53
CA THR B 147 26.71 8.02 -42.08
C THR B 147 26.00 7.88 -40.72
N VAL B 148 24.66 8.04 -40.76
CA VAL B 148 23.77 7.95 -39.61
C VAL B 148 23.35 6.49 -39.36
N GLN B 149 23.10 6.12 -38.10
CA GLN B 149 22.89 4.74 -37.65
C GLN B 149 21.69 4.61 -36.70
N LEU B 150 20.50 5.06 -37.12
CA LEU B 150 19.26 4.98 -36.35
C LEU B 150 18.86 3.63 -35.76
N SER B 151 18.05 3.67 -34.70
CA SER B 151 17.50 2.48 -34.05
C SER B 151 16.30 2.87 -33.22
N LEU B 152 15.16 2.23 -33.47
CA LEU B 152 13.87 2.64 -32.91
C LEU B 152 13.24 1.49 -32.13
N VAL B 153 12.08 1.76 -31.51
CA VAL B 153 11.27 0.77 -30.81
C VAL B 153 9.85 0.80 -31.38
N ALA B 154 8.98 -0.04 -30.83
CA ALA B 154 7.67 -0.28 -31.46
C ALA B 154 6.64 0.78 -31.12
N ASP B 155 6.37 0.92 -29.81
CA ASP B 155 5.47 1.92 -29.17
C ASP B 155 4.39 2.49 -30.11
N GLU B 156 3.29 1.76 -30.32
CA GLU B 156 2.17 2.25 -31.16
C GLU B 156 1.21 3.08 -30.27
N SER B 157 0.22 3.76 -30.86
CA SER B 157 -0.75 4.57 -30.06
C SER B 157 -1.81 3.66 -29.46
N PHE B 158 -2.60 4.17 -28.51
CA PHE B 158 -3.60 3.31 -27.83
C PHE B 158 -4.90 3.17 -28.63
N VAL B 159 -5.17 4.08 -29.57
CA VAL B 159 -6.40 3.96 -30.35
C VAL B 159 -6.22 2.92 -31.45
N ILE B 160 -5.01 2.81 -31.99
CA ILE B 160 -4.74 1.81 -33.02
C ILE B 160 -4.68 0.42 -32.41
N GLN B 161 -4.11 0.30 -31.20
CA GLN B 161 -4.02 -1.01 -30.55
C GLN B 161 -5.37 -1.51 -30.06
N GLN B 162 -6.27 -0.61 -29.67
CA GLN B 162 -7.61 -1.02 -29.29
C GLN B 162 -8.45 -1.39 -30.51
N SER B 163 -8.15 -0.79 -31.67
CA SER B 163 -8.92 -1.08 -32.86
C SER B 163 -8.57 -2.45 -33.43
N LEU B 164 -7.30 -2.83 -33.35
CA LEU B 164 -6.87 -4.15 -33.78
C LEU B 164 -7.35 -5.25 -32.85
N LYS B 165 -7.69 -4.93 -31.61
CA LYS B 165 -8.21 -5.93 -30.69
C LYS B 165 -9.67 -6.26 -30.97
N THR B 166 -10.48 -5.24 -31.28
CA THR B 166 -11.89 -5.48 -31.58
C THR B 166 -12.09 -6.18 -32.92
N GLN B 167 -11.09 -6.18 -33.79
CA GLN B 167 -11.21 -6.92 -35.04
C GLN B 167 -11.02 -8.43 -34.86
N SER B 168 -10.60 -8.88 -33.69
CA SER B 168 -10.48 -10.31 -33.40
C SER B 168 -11.28 -10.61 -32.14
N ALA B 169 -12.33 -11.44 -32.30
CA ALA B 169 -13.33 -11.79 -31.30
C ALA B 169 -13.98 -10.57 -30.65
N PRO B 170 -14.89 -9.86 -31.35
CA PRO B 170 -15.57 -8.73 -30.71
C PRO B 170 -16.78 -9.14 -29.87
N ASP B 171 -16.62 -10.20 -29.08
CA ASP B 171 -17.55 -10.70 -28.07
C ASP B 171 -18.92 -11.11 -28.63
N ARG B 172 -19.08 -11.21 -29.94
CA ARG B 172 -20.17 -11.93 -30.58
C ARG B 172 -19.60 -12.80 -31.68
N ALA B 173 -20.27 -13.91 -31.96
CA ALA B 173 -19.76 -14.88 -32.91
C ALA B 173 -20.60 -14.97 -34.17
N LEU B 174 -21.92 -15.18 -34.03
CA LEU B 174 -22.88 -15.32 -35.13
C LEU B 174 -22.46 -16.48 -36.05
N VAL B 175 -22.54 -17.68 -35.48
CA VAL B 175 -22.05 -18.89 -36.11
C VAL B 175 -23.13 -19.50 -36.99
N SER B 176 -22.79 -19.77 -38.25
CA SER B 176 -23.67 -20.50 -39.14
C SER B 176 -23.62 -21.99 -38.83
N VAL B 177 -24.71 -22.68 -39.10
CA VAL B 177 -24.72 -24.12 -38.86
C VAL B 177 -24.55 -24.86 -40.18
N PRO B 178 -23.79 -25.94 -40.20
CA PRO B 178 -23.67 -26.73 -41.43
C PRO B 178 -24.67 -27.87 -41.47
N ASP B 179 -24.72 -28.56 -42.61
CA ASP B 179 -25.46 -29.80 -42.69
C ASP B 179 -24.77 -30.88 -41.87
N LEU B 180 -25.59 -31.71 -41.19
CA LEU B 180 -25.14 -32.71 -40.21
C LEU B 180 -24.31 -32.07 -39.10
N ALA B 181 -24.97 -31.21 -38.33
CA ALA B 181 -24.35 -30.48 -37.25
C ALA B 181 -24.84 -30.97 -35.90
N SER B 182 -24.14 -30.53 -34.85
CA SER B 182 -24.51 -30.84 -33.48
C SER B 182 -23.95 -29.76 -32.56
N LEU B 183 -24.65 -29.52 -31.46
CA LEU B 183 -24.24 -28.47 -30.53
C LEU B 183 -22.87 -28.64 -29.87
N PRO B 184 -22.35 -29.84 -29.57
CA PRO B 184 -20.94 -29.89 -29.17
C PRO B 184 -19.99 -29.48 -30.29
N LEU B 185 -20.35 -29.70 -31.55
CA LEU B 185 -19.53 -29.19 -32.64
C LEU B 185 -19.79 -27.70 -32.88
N LEU B 186 -21.02 -27.25 -32.68
CA LEU B 186 -21.34 -25.84 -32.83
C LEU B 186 -20.79 -25.00 -31.69
N ALA B 187 -20.46 -25.63 -30.55
CA ALA B 187 -19.78 -24.91 -29.49
C ALA B 187 -18.28 -24.87 -29.70
N LEU B 188 -17.72 -25.87 -30.39
CA LEU B 188 -16.31 -25.79 -30.74
C LEU B 188 -16.07 -24.78 -31.85
N SER B 189 -17.01 -24.64 -32.78
CA SER B 189 -16.89 -23.62 -33.81
C SER B 189 -17.26 -22.23 -33.31
N ALA B 190 -17.99 -22.13 -32.20
CA ALA B 190 -18.23 -20.85 -31.55
C ALA B 190 -17.20 -20.56 -30.49
N GLY B 191 -16.52 -21.58 -29.97
CA GLY B 191 -15.42 -21.38 -29.07
C GLY B 191 -14.10 -21.11 -29.74
N GLY B 192 -14.09 -21.04 -31.06
CA GLY B 192 -12.90 -20.66 -31.81
C GLY B 192 -13.01 -19.25 -32.33
N VAL B 193 -14.24 -18.78 -32.50
CA VAL B 193 -14.45 -17.39 -32.87
C VAL B 193 -14.19 -16.49 -31.67
N LEU B 194 -14.52 -16.96 -30.47
CA LEU B 194 -14.37 -16.16 -29.26
C LEU B 194 -13.19 -16.54 -28.39
N ALA B 195 -12.68 -17.76 -28.53
CA ALA B 195 -11.60 -18.35 -27.71
C ALA B 195 -11.95 -18.31 -26.23
N SER B 196 -13.16 -18.81 -25.90
CA SER B 196 -13.64 -18.69 -24.53
C SER B 196 -14.42 -19.90 -24.00
N SER B 197 -14.47 -21.02 -24.74
CA SER B 197 -15.05 -22.30 -24.30
C SER B 197 -16.53 -22.17 -23.92
N VAL B 198 -17.35 -21.97 -24.97
CA VAL B 198 -18.71 -21.47 -24.84
C VAL B 198 -19.78 -22.48 -24.46
N ASP B 199 -19.39 -23.64 -23.91
CA ASP B 199 -20.16 -24.49 -22.99
C ASP B 199 -21.63 -24.77 -23.32
N TYR B 200 -21.86 -25.61 -24.34
CA TYR B 200 -23.05 -25.72 -25.20
C TYR B 200 -24.43 -25.48 -24.60
N LEU B 201 -24.62 -25.75 -23.30
CA LEU B 201 -25.91 -25.49 -22.66
C LEU B 201 -26.25 -24.01 -22.62
N SER B 202 -25.24 -23.14 -22.64
CA SER B 202 -25.52 -21.71 -22.73
C SER B 202 -25.89 -21.28 -24.14
N LEU B 203 -25.53 -22.07 -25.15
CA LEU B 203 -25.93 -21.74 -26.52
C LEU B 203 -27.42 -22.00 -26.72
N ALA B 204 -27.93 -23.10 -26.20
CA ALA B 204 -29.34 -23.41 -26.37
C ALA B 204 -30.24 -22.55 -25.49
N TRP B 205 -29.69 -21.92 -24.46
CA TRP B 205 -30.48 -21.00 -23.65
C TRP B 205 -30.49 -19.60 -24.22
N ASP B 206 -29.37 -19.15 -24.80
CA ASP B 206 -29.30 -17.81 -25.33
C ASP B 206 -30.03 -17.64 -26.66
N ASN B 207 -30.23 -18.74 -27.39
CA ASN B 207 -30.87 -18.68 -28.69
C ASN B 207 -32.29 -19.24 -28.69
N ASP B 208 -32.80 -19.62 -27.51
CA ASP B 208 -34.14 -20.19 -27.32
C ASP B 208 -34.34 -21.44 -28.17
N LEU B 209 -33.40 -22.36 -28.09
CA LEU B 209 -33.60 -23.69 -28.65
C LEU B 209 -34.67 -24.44 -27.87
N ASP B 210 -35.32 -25.39 -28.54
CA ASP B 210 -36.37 -26.16 -27.90
C ASP B 210 -35.84 -27.47 -27.31
N ASN B 211 -35.03 -28.21 -28.05
CA ASN B 211 -34.74 -29.59 -27.70
C ASN B 211 -33.30 -30.03 -27.95
N LEU B 212 -32.36 -29.06 -28.01
CA LEU B 212 -30.92 -29.21 -28.25
C LEU B 212 -30.56 -29.63 -29.67
N ASP B 213 -31.56 -29.95 -30.51
CA ASP B 213 -31.39 -30.14 -31.94
C ASP B 213 -32.52 -29.36 -32.59
N ASP B 214 -32.33 -28.06 -32.75
CA ASP B 214 -33.38 -27.20 -33.27
C ASP B 214 -32.98 -26.47 -34.54
N PHE B 215 -31.71 -26.11 -34.67
CA PHE B 215 -31.14 -25.51 -35.86
C PHE B 215 -31.37 -26.37 -37.10
N GLN B 216 -31.59 -25.70 -38.23
CA GLN B 216 -31.94 -26.38 -39.49
C GLN B 216 -31.04 -25.83 -40.61
N THR B 217 -29.83 -26.40 -40.70
CA THR B 217 -28.83 -26.36 -41.79
C THR B 217 -28.77 -25.09 -42.62
N GLY B 218 -28.51 -23.96 -41.97
CA GLY B 218 -28.49 -22.69 -42.67
C GLY B 218 -28.94 -21.51 -41.85
N ASP B 219 -29.41 -21.75 -40.63
CA ASP B 219 -29.77 -20.67 -39.73
C ASP B 219 -28.60 -20.40 -38.79
N PHE B 220 -28.58 -19.19 -38.25
CA PHE B 220 -27.45 -18.71 -37.47
C PHE B 220 -27.73 -18.81 -35.98
N LEU B 221 -26.67 -18.96 -35.19
CA LEU B 221 -26.73 -18.99 -33.75
C LEU B 221 -25.78 -17.95 -33.19
N ARG B 222 -26.29 -17.08 -32.32
CA ARG B 222 -25.52 -15.99 -31.75
C ARG B 222 -24.85 -16.43 -30.47
N ALA B 223 -23.54 -16.24 -30.38
CA ALA B 223 -22.75 -16.65 -29.22
C ALA B 223 -22.00 -15.44 -28.67
N THR B 224 -22.37 -15.03 -27.46
CA THR B 224 -21.71 -13.94 -26.74
C THR B 224 -20.97 -14.52 -25.55
N LYS B 225 -19.68 -14.22 -25.46
CA LYS B 225 -18.75 -14.73 -24.45
C LYS B 225 -18.76 -16.26 -24.44
N HIS C 3 -11.06 -10.96 -17.29
CA HIS C 3 -9.79 -10.50 -16.75
C HIS C 3 -9.98 -9.90 -15.36
N ILE C 4 -9.12 -8.95 -14.99
CA ILE C 4 -9.12 -8.38 -13.64
C ILE C 4 -9.51 -6.90 -13.73
N THR C 5 -10.60 -6.54 -13.06
CA THR C 5 -11.24 -5.23 -13.21
C THR C 5 -11.34 -4.55 -11.85
N LEU C 6 -10.64 -3.41 -11.71
CA LEU C 6 -10.62 -2.65 -10.47
C LEU C 6 -11.75 -1.63 -10.45
N ASP C 7 -12.80 -1.89 -9.68
CA ASP C 7 -13.89 -0.93 -9.48
C ASP C 7 -13.58 -0.06 -8.27
N ILE C 8 -13.60 1.25 -8.47
CA ILE C 8 -13.49 2.20 -7.36
C ILE C 8 -14.63 3.19 -7.44
N ALA C 9 -15.45 3.23 -6.38
CA ALA C 9 -16.62 4.09 -6.21
C ALA C 9 -17.65 3.89 -7.32
N GLY C 10 -17.77 2.66 -7.82
CA GLY C 10 -18.77 2.31 -8.81
C GLY C 10 -18.36 2.43 -10.26
N GLN C 11 -17.21 3.03 -10.55
CA GLN C 11 -16.74 3.17 -11.92
C GLN C 11 -15.56 2.23 -12.16
N ARG C 12 -15.46 1.71 -13.38
CA ARG C 12 -14.57 0.57 -13.60
C ARG C 12 -13.11 0.96 -13.78
N SER C 13 -12.81 2.27 -13.93
CA SER C 13 -11.52 2.88 -13.60
C SER C 13 -10.36 2.28 -14.40
N THR C 14 -10.39 2.54 -15.70
CA THR C 14 -9.41 1.94 -16.63
C THR C 14 -8.03 2.53 -16.38
N LEU C 15 -7.18 1.75 -15.72
CA LEU C 15 -5.78 2.08 -15.49
C LEU C 15 -4.95 0.82 -15.67
N GLY C 16 -3.69 0.88 -15.23
CA GLY C 16 -2.80 -0.24 -15.39
C GLY C 16 -2.22 -0.75 -14.09
N ILE C 17 -2.63 -1.94 -13.70
CA ILE C 17 -2.16 -2.55 -12.45
C ILE C 17 -0.91 -3.35 -12.77
N ARG C 18 0.20 -3.02 -12.11
CA ARG C 18 1.39 -3.83 -12.26
C ARG C 18 1.54 -4.90 -11.19
N ARG C 19 0.92 -4.72 -10.03
CA ARG C 19 0.94 -5.68 -8.94
C ARG C 19 -0.41 -5.69 -8.26
N LEU C 20 -0.97 -6.87 -8.06
CA LEU C 20 -2.17 -7.04 -7.24
C LEU C 20 -1.94 -8.24 -6.34
N ARG C 21 -2.23 -8.08 -5.05
CA ARG C 21 -2.04 -9.16 -4.10
C ARG C 21 -3.14 -9.06 -3.07
N VAL C 22 -3.98 -10.10 -2.98
CA VAL C 22 -5.11 -10.13 -2.06
C VAL C 22 -4.78 -11.12 -0.96
N GLN C 23 -4.81 -10.64 0.27
CA GLN C 23 -4.38 -11.39 1.44
C GLN C 23 -5.59 -11.67 2.31
N GLN C 24 -5.66 -12.89 2.84
CA GLN C 24 -6.82 -13.35 3.60
C GLN C 24 -6.35 -14.42 4.56
N LEU C 25 -6.52 -14.18 5.85
CA LEU C 25 -6.05 -15.08 6.90
C LEU C 25 -7.22 -15.54 7.76
N ILE C 26 -6.90 -16.15 8.90
CA ILE C 26 -7.89 -16.94 9.62
C ILE C 26 -8.57 -16.17 10.74
N ASN C 27 -7.95 -15.12 11.27
CA ASN C 27 -8.54 -14.29 12.32
C ASN C 27 -8.22 -12.83 12.11
N GLU C 28 -7.89 -12.43 10.89
CA GLU C 28 -7.38 -11.09 10.63
C GLU C 28 -8.19 -10.45 9.52
N ILE C 29 -8.11 -9.12 9.47
CA ILE C 29 -8.84 -8.34 8.47
C ILE C 29 -8.20 -8.56 7.11
N PRO C 30 -8.92 -9.11 6.13
CA PRO C 30 -8.31 -9.36 4.83
C PRO C 30 -8.06 -8.07 4.07
N LEU C 31 -6.91 -8.00 3.40
CA LEU C 31 -6.46 -6.80 2.74
C LEU C 31 -6.14 -7.09 1.28
N ALA C 32 -5.78 -6.03 0.54
CA ALA C 32 -5.47 -6.14 -0.88
C ALA C 32 -4.58 -4.95 -1.27
N GLN C 33 -3.32 -5.22 -1.61
CA GLN C 33 -2.45 -4.20 -2.16
C GLN C 33 -2.60 -4.10 -3.67
N LEU C 34 -2.73 -2.88 -4.17
CA LEU C 34 -2.59 -2.58 -5.58
C LEU C 34 -1.24 -1.92 -5.81
N GLU C 35 -0.87 -1.81 -7.07
CA GLU C 35 0.24 -0.93 -7.45
C GLU C 35 -0.01 -0.47 -8.88
N LEU C 36 -0.07 0.83 -9.08
CA LEU C 36 -0.38 1.39 -10.38
C LEU C 36 0.83 2.14 -10.92
N HIS C 37 0.74 2.50 -12.19
CA HIS C 37 1.74 3.35 -12.84
C HIS C 37 1.01 4.46 -13.58
N ILE C 38 1.24 5.70 -13.16
CA ILE C 38 0.66 6.87 -13.81
C ILE C 38 1.62 7.28 -14.93
N PRO C 39 1.22 7.16 -16.19
CA PRO C 39 2.16 7.47 -17.28
C PRO C 39 2.36 8.97 -17.45
N THR C 40 3.61 9.34 -17.70
CA THR C 40 4.00 10.73 -17.88
C THR C 40 4.54 11.01 -19.28
N ASP C 41 5.09 10.00 -19.95
CA ASP C 41 5.82 10.19 -21.19
C ASP C 41 4.94 10.26 -22.44
N ASN C 42 3.63 10.02 -22.32
CA ASN C 42 2.73 10.12 -23.47
C ASN C 42 1.79 11.31 -23.24
N HIS C 43 2.17 12.45 -23.79
CA HIS C 43 1.52 13.71 -23.45
C HIS C 43 0.19 13.85 -24.21
N GLY C 44 -0.42 15.03 -24.10
CA GLY C 44 -1.60 15.33 -24.88
C GLY C 44 -2.90 15.29 -24.11
N ALA C 45 -3.92 14.67 -24.71
CA ALA C 45 -5.23 14.61 -24.07
C ALA C 45 -5.25 13.60 -22.93
N ALA C 46 -4.54 12.48 -23.09
CA ALA C 46 -4.49 11.44 -22.08
C ALA C 46 -3.34 11.62 -21.10
N ASP C 47 -2.82 12.83 -20.96
CA ASP C 47 -1.83 13.13 -19.94
C ASP C 47 -2.44 13.81 -18.73
N ASN C 48 -3.51 14.58 -18.92
CA ASN C 48 -4.29 15.06 -17.79
C ASN C 48 -5.57 14.27 -17.56
N ALA C 49 -5.98 13.43 -18.52
CA ALA C 49 -7.12 12.56 -18.30
C ALA C 49 -6.78 11.38 -17.41
N VAL C 50 -5.49 11.05 -17.27
CA VAL C 50 -5.07 10.09 -16.27
C VAL C 50 -4.89 10.76 -14.91
N GLN C 51 -4.72 12.09 -14.88
CA GLN C 51 -4.68 12.81 -13.61
C GLN C 51 -6.07 12.85 -12.98
N HIS C 52 -7.12 12.83 -13.80
CA HIS C 52 -8.48 12.84 -13.29
C HIS C 52 -8.85 11.51 -12.67
N GLU C 53 -8.24 10.42 -13.12
CA GLU C 53 -8.59 9.08 -12.63
C GLU C 53 -7.88 8.71 -11.34
N VAL C 54 -6.73 9.32 -11.06
CA VAL C 54 -6.04 9.07 -9.80
C VAL C 54 -6.58 9.97 -8.69
N SER C 55 -7.09 11.15 -9.06
CA SER C 55 -7.67 12.06 -8.08
C SER C 55 -9.00 11.57 -7.51
N ARG C 56 -9.59 10.52 -8.08
CA ARG C 56 -10.78 9.89 -7.51
C ARG C 56 -10.43 8.88 -6.42
N PHE C 57 -9.17 8.75 -6.04
CA PHE C 57 -8.77 7.74 -5.05
C PHE C 57 -8.65 8.40 -3.67
N THR C 58 -9.77 8.90 -3.16
CA THR C 58 -9.75 9.48 -1.84
C THR C 58 -9.76 8.38 -0.78
N LEU C 59 -9.28 8.71 0.41
CA LEU C 59 -9.17 7.73 1.49
C LEU C 59 -10.55 7.40 2.02
N GLY C 60 -11.00 6.19 1.75
CA GLY C 60 -12.28 5.67 2.15
C GLY C 60 -13.22 5.79 0.98
N VAL C 61 -13.26 4.73 0.17
CA VAL C 61 -14.08 4.63 -1.02
C VAL C 61 -14.34 3.15 -1.22
N ARG C 62 -15.44 2.82 -1.88
CA ARG C 62 -15.71 1.44 -2.20
C ARG C 62 -14.73 0.98 -3.28
N VAL C 63 -13.91 -0.01 -2.96
CA VAL C 63 -12.96 -0.58 -3.90
C VAL C 63 -13.35 -2.04 -4.17
N GLY C 64 -13.57 -2.37 -5.43
CA GLY C 64 -13.94 -3.72 -5.78
C GLY C 64 -13.01 -4.36 -6.80
N ILE C 65 -12.54 -5.55 -6.51
CA ILE C 65 -11.68 -6.31 -7.42
C ILE C 65 -12.50 -7.47 -7.95
N ALA C 66 -12.47 -7.68 -9.26
CA ALA C 66 -13.13 -8.82 -9.86
C ALA C 66 -12.14 -9.63 -10.67
N GLN C 67 -12.05 -10.93 -10.37
CA GLN C 67 -11.22 -11.89 -11.09
C GLN C 67 -12.14 -12.87 -11.78
N ASP C 68 -11.84 -13.13 -13.07
CA ASP C 68 -12.60 -13.94 -14.06
C ASP C 68 -14.12 -13.94 -13.83
N ASN C 69 -14.68 -12.72 -13.89
CA ASN C 69 -16.10 -12.37 -13.68
C ASN C 69 -16.67 -12.93 -12.38
N LYS C 70 -15.85 -12.96 -11.35
CA LYS C 70 -16.23 -13.32 -9.99
C LYS C 70 -15.69 -12.24 -9.06
N PRO C 71 -16.35 -12.00 -7.93
CA PRO C 71 -15.86 -10.95 -7.02
C PRO C 71 -14.65 -11.38 -6.21
N LEU C 72 -13.55 -10.61 -6.29
CA LEU C 72 -12.33 -11.01 -5.59
C LEU C 72 -12.25 -10.41 -4.18
N PHE C 73 -12.34 -9.07 -4.05
CA PHE C 73 -12.02 -8.50 -2.74
C PHE C 73 -13.10 -7.68 -2.07
N ASP C 74 -13.58 -6.59 -2.67
CA ASP C 74 -14.70 -5.76 -2.18
C ASP C 74 -14.46 -5.17 -0.78
N GLY C 75 -13.64 -4.11 -0.70
CA GLY C 75 -13.36 -3.45 0.57
C GLY C 75 -13.22 -1.95 0.42
N TYR C 76 -13.10 -1.27 1.57
CA TYR C 76 -12.83 0.17 1.61
C TYR C 76 -11.33 0.44 1.57
N LEU C 77 -10.96 1.64 1.09
CA LEU C 77 -9.57 1.97 0.82
C LEU C 77 -8.90 2.68 1.99
N VAL C 78 -7.65 2.28 2.26
CA VAL C 78 -6.77 2.87 3.27
C VAL C 78 -5.39 2.99 2.62
N GLN C 79 -4.66 4.06 2.96
CA GLN C 79 -3.19 4.11 2.81
C GLN C 79 -2.76 4.09 1.33
N LYS C 80 -2.98 5.22 0.68
CA LYS C 80 -2.58 5.47 -0.71
C LYS C 80 -1.19 6.12 -0.74
N LYS C 81 -0.16 5.35 -1.09
CA LYS C 81 1.22 5.82 -1.15
C LYS C 81 1.68 6.03 -2.59
N MET C 82 2.36 7.15 -2.85
CA MET C 82 2.90 7.43 -4.18
C MET C 82 4.38 7.82 -4.12
N GLN C 83 5.15 7.33 -5.11
CA GLN C 83 6.62 7.29 -5.01
C GLN C 83 7.34 8.43 -5.75
N LEU C 84 7.16 8.53 -7.07
CA LEU C 84 7.69 9.62 -7.91
C LEU C 84 9.22 9.75 -7.80
N LYS C 85 9.90 8.73 -8.32
CA LYS C 85 11.36 8.73 -8.40
C LYS C 85 11.78 8.86 -9.86
N GLY C 86 12.41 9.97 -10.20
CA GLY C 86 12.86 10.17 -11.57
C GLY C 86 11.69 10.48 -12.48
N LYS C 87 11.61 9.76 -13.58
CA LYS C 87 10.46 9.88 -14.47
C LYS C 87 9.37 8.88 -14.14
N GLU C 88 9.68 7.90 -13.29
CA GLU C 88 8.67 7.00 -12.74
C GLU C 88 7.73 7.78 -11.83
N TRP C 89 6.43 7.48 -11.91
CA TRP C 89 5.50 7.96 -10.89
C TRP C 89 4.46 6.88 -10.68
N SER C 90 4.67 6.09 -9.64
CA SER C 90 3.78 5.00 -9.25
C SER C 90 2.95 5.43 -8.05
N VAL C 91 1.79 4.81 -7.91
CA VAL C 91 0.98 4.95 -6.71
C VAL C 91 0.65 3.55 -6.21
N ARG C 92 0.56 3.40 -4.90
CA ARG C 92 0.30 2.12 -4.26
C ARG C 92 -0.95 2.24 -3.41
N LEU C 93 -1.89 1.34 -3.61
CA LEU C 93 -3.13 1.36 -2.87
C LEU C 93 -3.13 0.22 -1.86
N GLU C 94 -3.98 0.36 -0.85
CA GLU C 94 -4.34 -0.75 0.01
C GLU C 94 -5.82 -0.64 0.26
N ALA C 95 -6.46 -1.76 0.52
CA ALA C 95 -7.88 -1.73 0.83
C ALA C 95 -8.16 -2.79 1.87
N ARG C 96 -9.01 -2.46 2.83
CA ARG C 96 -9.29 -3.36 3.93
C ARG C 96 -10.77 -3.71 3.91
N HIS C 97 -11.11 -4.84 4.55
CA HIS C 97 -12.46 -5.37 4.60
C HIS C 97 -13.34 -4.46 5.46
N ALA C 98 -14.63 -4.80 5.54
CA ALA C 98 -15.56 -4.08 6.42
C ALA C 98 -15.26 -4.25 7.90
N LEU C 99 -14.39 -5.19 8.28
CA LEU C 99 -13.92 -5.31 9.65
C LEU C 99 -12.90 -4.26 10.04
N GLN C 100 -12.49 -3.40 9.12
CA GLN C 100 -11.60 -2.30 9.45
C GLN C 100 -12.30 -1.22 10.26
N LYS C 101 -13.64 -1.17 10.20
CA LYS C 101 -14.38 -0.19 10.98
C LYS C 101 -14.38 -0.49 12.47
N LEU C 102 -13.89 -1.66 12.88
CA LEU C 102 -13.94 -2.12 14.26
C LEU C 102 -12.62 -2.02 15.00
N THR C 103 -11.55 -1.51 14.38
CA THR C 103 -10.24 -1.85 14.92
C THR C 103 -9.59 -0.75 15.77
N PHE C 104 -9.80 0.53 15.50
CA PHE C 104 -9.17 1.58 16.30
C PHE C 104 -10.24 2.59 16.68
N LEU C 105 -11.02 2.25 17.70
CA LEU C 105 -11.87 3.14 18.48
C LEU C 105 -12.16 2.39 19.77
N PRO C 106 -11.82 2.94 20.92
CA PRO C 106 -12.04 2.24 22.20
C PRO C 106 -13.48 2.41 22.67
N HIS C 107 -14.24 1.34 22.62
CA HIS C 107 -15.61 1.35 23.09
C HIS C 107 -15.71 0.61 24.40
N SER C 108 -16.87 0.75 25.05
CA SER C 108 -17.11 0.09 26.33
C SER C 108 -18.57 -0.31 26.42
N ARG C 109 -18.82 -1.59 26.69
CA ARG C 109 -20.15 -2.14 26.90
C ARG C 109 -20.07 -3.07 28.10
N VAL C 110 -21.18 -3.72 28.45
CA VAL C 110 -21.25 -4.56 29.64
C VAL C 110 -21.69 -5.99 29.32
N PHE C 111 -22.76 -6.16 28.54
CA PHE C 111 -23.27 -7.46 28.07
C PHE C 111 -23.67 -8.37 29.24
N ARG C 112 -24.70 -7.99 29.98
CA ARG C 112 -25.23 -8.87 31.01
C ARG C 112 -26.32 -9.77 30.44
N GLN C 113 -26.30 -11.04 30.87
CA GLN C 113 -27.32 -12.05 30.58
C GLN C 113 -27.47 -12.27 29.07
N GLN C 114 -26.35 -12.64 28.45
CA GLN C 114 -26.30 -12.86 27.01
C GLN C 114 -25.44 -14.08 26.70
N ASP C 115 -25.68 -14.65 25.53
CA ASP C 115 -25.00 -15.83 25.04
C ASP C 115 -23.63 -15.44 24.47
N ASP C 116 -22.80 -16.46 24.16
CA ASP C 116 -21.53 -16.20 23.47
C ASP C 116 -21.75 -15.62 22.09
N SER C 117 -22.82 -16.03 21.41
CA SER C 117 -23.05 -15.59 20.04
C SER C 117 -23.78 -14.26 19.99
N THR C 118 -24.71 -14.02 20.92
CA THR C 118 -25.47 -12.78 20.90
C THR C 118 -24.64 -11.58 21.37
N VAL C 119 -23.55 -11.81 22.08
CA VAL C 119 -22.57 -10.76 22.32
C VAL C 119 -21.91 -10.38 21.00
N MET C 120 -21.52 -11.37 20.22
CA MET C 120 -20.59 -11.15 19.11
C MET C 120 -21.29 -10.88 17.79
N LYS C 121 -22.47 -11.46 17.54
CA LYS C 121 -23.18 -11.11 16.32
C LYS C 121 -23.77 -9.71 16.38
N GLY C 122 -24.01 -9.20 17.58
CA GLY C 122 -24.39 -7.81 17.76
C GLY C 122 -23.21 -6.88 17.84
N LEU C 123 -22.00 -7.44 17.84
CA LEU C 123 -20.76 -6.67 17.90
C LEU C 123 -20.14 -6.48 16.53
N LEU C 124 -20.25 -7.49 15.67
CA LEU C 124 -19.88 -7.37 14.27
C LEU C 124 -20.90 -6.59 13.47
N GLN C 125 -22.13 -6.44 13.97
CA GLN C 125 -23.21 -5.82 13.22
C GLN C 125 -23.06 -4.31 13.09
N SER C 126 -22.16 -3.71 13.88
CA SER C 126 -21.98 -2.26 13.86
C SER C 126 -21.31 -1.76 12.59
N ALA C 127 -20.71 -2.63 11.78
CA ALA C 127 -20.17 -2.23 10.50
C ALA C 127 -20.97 -2.73 9.31
N GLY C 128 -21.89 -3.66 9.52
CA GLY C 128 -22.60 -4.30 8.43
C GLY C 128 -22.13 -5.68 8.12
N VAL C 129 -21.28 -6.26 8.95
CA VAL C 129 -20.80 -7.61 8.74
C VAL C 129 -21.85 -8.58 9.27
N LYS C 130 -22.24 -9.55 8.44
CA LYS C 130 -23.30 -10.49 8.76
C LYS C 130 -22.69 -11.81 9.21
N LEU C 131 -22.86 -12.14 10.49
CA LEU C 131 -22.34 -13.39 11.01
C LEU C 131 -23.16 -14.59 10.54
N THR C 132 -22.46 -15.66 10.17
CA THR C 132 -23.08 -16.94 9.83
C THR C 132 -22.62 -17.98 10.83
N GLN C 133 -23.55 -18.52 11.61
CA GLN C 133 -23.20 -19.52 12.62
C GLN C 133 -24.36 -20.45 12.92
N SER C 141 -23.81 -21.34 27.16
CA SER C 141 -24.14 -20.79 28.48
C SER C 141 -24.16 -19.28 28.45
N LYS C 142 -25.13 -18.70 29.15
CA LYS C 142 -25.26 -17.26 29.20
C LYS C 142 -24.28 -16.67 30.19
N HIS C 143 -23.80 -15.48 29.87
CA HIS C 143 -22.84 -14.79 30.73
C HIS C 143 -23.57 -14.06 31.84
N ASP C 144 -22.91 -13.96 32.99
CA ASP C 144 -23.47 -13.13 34.04
C ASP C 144 -23.02 -11.69 33.87
N GLN C 145 -21.73 -11.50 33.55
CA GLN C 145 -21.16 -10.17 33.53
C GLN C 145 -19.90 -10.22 32.66
N LEU C 146 -20.00 -9.76 31.42
CA LEU C 146 -18.79 -9.37 30.70
C LEU C 146 -18.47 -7.93 31.05
N LEU C 147 -17.38 -7.43 30.45
CA LEU C 147 -17.05 -6.01 30.54
C LEU C 147 -16.03 -5.74 29.46
N GLN C 148 -16.28 -4.75 28.63
CA GLN C 148 -15.30 -4.24 27.67
C GLN C 148 -14.75 -2.94 28.24
N PHE C 149 -13.54 -3.00 28.82
CA PHE C 149 -12.95 -1.81 29.46
C PHE C 149 -12.05 -1.04 28.48
N ARG C 150 -12.65 -0.12 27.73
CA ARG C 150 -11.89 0.76 26.78
C ARG C 150 -11.05 -0.07 25.80
N LEU C 151 -11.61 -1.15 25.27
CA LEU C 151 -10.91 -1.99 24.26
C LEU C 151 -11.16 -1.39 22.86
N SER C 152 -10.43 -1.88 21.86
CA SER C 152 -10.53 -1.39 20.46
C SER C 152 -11.86 -1.77 19.79
N ASP C 153 -12.53 -2.83 20.29
CA ASP C 153 -13.82 -3.44 19.84
C ASP C 153 -13.53 -4.56 18.82
N TRP C 154 -12.29 -4.62 18.33
CA TRP C 154 -11.81 -5.76 17.49
C TRP C 154 -10.84 -6.54 18.38
N GLN C 155 -10.18 -5.83 19.29
CA GLN C 155 -9.27 -6.41 20.31
C GLN C 155 -10.14 -7.26 21.24
N PHE C 156 -11.35 -6.78 21.53
CA PHE C 156 -12.28 -7.52 22.36
C PHE C 156 -12.77 -8.80 21.70
N ILE C 157 -12.90 -8.82 20.37
CA ILE C 157 -13.44 -9.99 19.70
C ILE C 157 -12.44 -11.14 19.73
N ARG C 158 -11.21 -10.90 19.28
CA ARG C 158 -10.24 -11.99 19.24
C ARG C 158 -9.56 -12.23 20.58
N SER C 159 -9.99 -11.57 21.64
CA SER C 159 -9.76 -12.03 23.00
C SER C 159 -10.97 -12.76 23.55
N ARG C 160 -12.08 -12.75 22.83
CA ARG C 160 -13.29 -13.48 23.17
C ARG C 160 -13.47 -14.71 22.29
N LEU C 161 -12.83 -14.74 21.12
CA LEU C 161 -12.75 -15.96 20.32
C LEU C 161 -11.73 -16.94 20.88
N LEU C 162 -10.70 -16.43 21.55
CA LEU C 162 -9.70 -17.31 22.17
C LEU C 162 -10.26 -18.02 23.39
N SER C 163 -11.26 -17.45 24.05
CA SER C 163 -11.85 -18.01 25.25
C SER C 163 -13.15 -18.75 24.96
N THR C 164 -13.44 -19.06 23.71
CA THR C 164 -14.69 -19.66 23.31
C THR C 164 -14.45 -20.85 22.40
N ASN C 165 -13.18 -21.11 22.03
CA ASN C 165 -12.76 -22.19 21.13
C ASN C 165 -13.41 -22.03 19.75
N CYS C 166 -13.31 -20.83 19.18
CA CYS C 166 -13.77 -20.53 17.83
C CYS C 166 -12.72 -19.71 17.10
N TRP C 167 -12.71 -19.78 15.76
CA TRP C 167 -11.93 -18.85 14.97
C TRP C 167 -12.85 -18.18 13.96
N LEU C 168 -12.36 -17.12 13.31
CA LEU C 168 -13.24 -16.19 12.61
C LEU C 168 -13.67 -16.68 11.23
N LEU C 169 -12.74 -17.20 10.42
CA LEU C 169 -12.85 -17.39 8.97
C LEU C 169 -13.42 -16.17 8.23
N PRO C 170 -12.66 -15.08 8.09
CA PRO C 170 -13.21 -13.93 7.36
C PRO C 170 -13.19 -14.20 5.86
N ASP C 171 -14.21 -13.67 5.19
CA ASP C 171 -14.33 -13.83 3.75
C ASP C 171 -14.15 -12.47 3.10
N ALA C 172 -13.24 -12.39 2.12
CA ALA C 172 -13.23 -11.27 1.21
C ALA C 172 -14.37 -11.41 0.20
N ALA C 173 -14.56 -10.37 -0.61
CA ALA C 173 -15.61 -10.25 -1.63
C ALA C 173 -17.02 -10.30 -1.07
N SER C 174 -17.17 -10.07 0.24
CA SER C 174 -18.46 -10.12 0.90
C SER C 174 -18.31 -9.41 2.24
N ASP C 175 -19.42 -9.35 2.97
CA ASP C 175 -19.40 -8.94 4.37
C ASP C 175 -19.89 -10.08 5.25
N THR C 176 -19.69 -11.32 4.82
CA THR C 176 -20.18 -12.48 5.53
C THR C 176 -19.01 -13.17 6.22
N VAL C 177 -19.14 -13.40 7.51
CA VAL C 177 -18.13 -14.07 8.32
C VAL C 177 -18.77 -15.32 8.93
N VAL C 178 -18.09 -16.46 8.80
CA VAL C 178 -18.58 -17.72 9.33
C VAL C 178 -17.70 -18.10 10.53
N ILE C 179 -18.16 -17.78 11.73
CA ILE C 179 -17.45 -18.17 12.94
C ILE C 179 -17.77 -19.62 13.26
N ARG C 180 -16.73 -20.44 13.38
CA ARG C 180 -16.84 -21.88 13.44
C ARG C 180 -15.81 -22.41 14.43
N PRO C 181 -16.17 -23.40 15.26
CA PRO C 181 -15.23 -23.85 16.29
C PRO C 181 -14.06 -24.63 15.73
N LEU C 182 -12.99 -24.69 16.53
CA LEU C 182 -11.77 -25.41 16.17
C LEU C 182 -12.06 -26.89 16.18
N SER C 183 -12.13 -27.49 14.99
CA SER C 183 -12.36 -28.91 14.88
C SER C 183 -11.68 -29.46 13.63
N SER C 189 -11.47 -32.78 2.13
CA SER C 189 -10.11 -32.53 1.67
C SER C 189 -10.06 -32.34 0.17
N ARG C 190 -8.89 -31.95 -0.35
CA ARG C 190 -8.74 -31.70 -1.77
C ARG C 190 -7.68 -32.57 -2.44
N THR C 191 -6.71 -33.10 -1.69
CA THR C 191 -5.70 -34.07 -2.16
C THR C 191 -4.88 -33.50 -3.32
N LEU C 192 -4.07 -32.49 -2.98
CA LEU C 192 -3.05 -32.05 -3.91
C LEU C 192 -1.83 -32.96 -3.78
N ALA C 193 -1.43 -33.60 -4.87
CA ALA C 193 -0.33 -34.60 -4.84
C ALA C 193 0.70 -34.34 -5.95
N ARG C 194 1.92 -34.85 -5.76
CA ARG C 194 3.04 -34.67 -6.72
C ARG C 194 2.65 -35.26 -8.07
N ASP C 195 2.03 -36.45 -8.06
CA ASP C 195 1.57 -37.12 -9.30
C ASP C 195 0.43 -36.33 -9.97
N SER C 196 -0.47 -35.73 -9.18
CA SER C 196 -1.69 -35.07 -9.73
C SER C 196 -1.37 -33.97 -10.74
N HIS C 197 -2.05 -34.05 -11.89
CA HIS C 197 -1.95 -33.10 -13.04
C HIS C 197 -2.64 -31.75 -12.75
N ASP C 198 -3.77 -31.77 -12.03
CA ASP C 198 -4.65 -30.58 -11.84
C ASP C 198 -3.98 -29.40 -11.15
N TYR C 199 -3.21 -29.62 -10.08
CA TYR C 199 -2.57 -28.46 -9.39
C TYR C 199 -1.05 -28.53 -9.57
N THR C 200 -0.43 -27.41 -9.98
CA THR C 200 1.04 -27.37 -10.15
C THR C 200 1.64 -26.73 -8.90
N LEU C 201 2.62 -27.39 -8.28
CA LEU C 201 3.24 -26.95 -7.06
C LEU C 201 4.59 -26.32 -7.34
N TYR C 202 4.99 -25.40 -6.47
CA TYR C 202 6.28 -24.75 -6.62
C TYR C 202 7.14 -24.77 -5.36
N GLU C 203 6.55 -24.65 -4.18
CA GLU C 203 7.32 -24.62 -2.95
C GLU C 203 6.41 -25.03 -1.80
N ILE C 204 6.93 -25.86 -0.88
CA ILE C 204 6.17 -26.33 0.28
C ILE C 204 7.07 -26.16 1.52
N ASN C 205 6.95 -25.03 2.19
CA ASN C 205 7.62 -24.83 3.47
C ASN C 205 6.72 -25.29 4.60
N LEU C 206 7.32 -25.98 5.58
CA LEU C 206 6.61 -26.46 6.77
C LEU C 206 7.58 -26.46 7.94
N ASN C 207 7.20 -25.85 9.06
CA ASN C 207 8.18 -25.56 10.11
C ASN C 207 8.37 -26.68 11.13
N PHE C 208 7.28 -27.31 11.58
CA PHE C 208 7.29 -28.41 12.56
C PHE C 208 8.04 -28.07 13.84
N ASP C 209 7.52 -27.09 14.57
CA ASP C 209 8.11 -26.68 15.84
C ASP C 209 7.37 -27.37 16.98
N ASN C 210 8.05 -27.53 18.12
CA ASN C 210 7.39 -28.02 19.32
C ASN C 210 7.78 -27.24 20.57
N ARG C 211 8.26 -26.00 20.43
CA ARG C 211 8.56 -25.20 21.61
C ARG C 211 7.30 -24.86 22.37
N PHE C 212 6.41 -24.12 21.73
CA PHE C 212 5.20 -23.64 22.39
C PHE C 212 4.01 -24.55 22.11
N THR C 213 4.17 -25.85 22.32
CA THR C 213 3.08 -26.81 22.17
C THR C 213 3.08 -27.71 23.41
N PRO C 214 2.20 -27.46 24.35
CA PRO C 214 2.13 -28.30 25.54
C PRO C 214 1.29 -29.54 25.29
N ASP C 215 1.04 -30.30 26.35
CA ASP C 215 0.19 -31.49 26.25
C ASP C 215 -1.04 -31.45 27.14
N SER C 216 -1.12 -30.55 28.11
CA SER C 216 -2.20 -30.64 29.10
C SER C 216 -3.16 -29.46 29.10
N LEU C 217 -2.68 -28.23 29.34
CA LEU C 217 -3.52 -27.08 29.71
C LEU C 217 -4.51 -27.43 30.82
N SER C 218 -3.94 -27.73 32.00
CA SER C 218 -4.75 -27.99 33.18
C SER C 218 -5.06 -26.66 33.87
N LEU C 219 -6.19 -26.06 33.53
CA LEU C 219 -6.58 -24.76 34.05
C LEU C 219 -7.66 -24.89 35.11
N GLN C 220 -7.56 -24.05 36.13
CA GLN C 220 -8.49 -24.11 37.23
C GLN C 220 -8.53 -22.75 37.91
N GLY C 221 -9.63 -22.48 38.61
CA GLY C 221 -9.82 -21.18 39.20
C GLY C 221 -10.61 -21.23 40.49
N TRP C 222 -10.54 -20.13 41.22
CA TRP C 222 -11.08 -20.03 42.57
C TRP C 222 -12.59 -19.88 42.53
N ASP C 223 -13.30 -20.89 43.02
CA ASP C 223 -14.75 -20.83 43.12
C ASP C 223 -15.10 -20.08 44.39
N ILE C 224 -15.86 -18.98 44.25
CA ILE C 224 -16.14 -18.12 45.40
C ILE C 224 -17.12 -18.81 46.34
N ALA C 225 -18.09 -19.52 45.78
CA ALA C 225 -19.13 -20.15 46.61
C ALA C 225 -18.59 -21.35 47.37
N ALA C 226 -17.78 -22.18 46.72
CA ALA C 226 -17.37 -23.45 47.28
C ALA C 226 -15.99 -23.42 47.93
N GLN C 227 -15.09 -22.58 47.42
CA GLN C 227 -13.74 -22.34 47.96
C GLN C 227 -12.90 -23.60 47.99
N ARG C 228 -12.93 -24.32 46.88
CA ARG C 228 -12.18 -25.55 46.70
C ARG C 228 -11.12 -25.43 45.62
N LEU C 229 -11.09 -24.31 44.87
CA LEU C 229 -10.20 -24.11 43.72
C LEU C 229 -10.44 -25.21 42.70
N THR C 230 -11.53 -25.09 41.93
CA THR C 230 -12.22 -26.10 41.11
C THR C 230 -11.33 -27.14 40.44
N ALA C 231 -11.81 -28.39 40.40
CA ALA C 231 -11.01 -29.55 40.03
C ALA C 231 -10.41 -29.42 38.65
N ALA C 232 -9.18 -29.92 38.50
CA ALA C 232 -8.32 -29.60 37.37
C ALA C 232 -8.85 -30.25 36.10
N GLN C 233 -9.32 -29.43 35.16
CA GLN C 233 -9.79 -29.91 33.87
C GLN C 233 -8.61 -29.99 32.91
N LYS C 234 -7.96 -31.16 32.91
CA LYS C 234 -6.88 -31.42 31.99
C LYS C 234 -7.42 -31.77 30.61
N SER C 235 -6.78 -31.22 29.58
CA SER C 235 -7.19 -31.48 28.20
C SER C 235 -6.16 -32.38 27.53
N PRO C 236 -6.57 -33.49 26.94
CA PRO C 236 -5.57 -34.39 26.34
C PRO C 236 -5.03 -33.83 25.04
N ALA C 237 -3.73 -34.02 24.84
CA ALA C 237 -3.14 -33.80 23.54
C ALA C 237 -3.42 -35.01 22.65
N GLY C 238 -3.62 -34.74 21.37
CA GLY C 238 -4.11 -35.75 20.45
C GLY C 238 -5.59 -35.64 20.15
N ALA C 239 -6.28 -34.66 20.72
CA ALA C 239 -7.59 -34.24 20.27
C ALA C 239 -7.41 -32.89 19.58
N PHE C 240 -8.12 -32.70 18.46
CA PHE C 240 -7.86 -31.62 17.50
C PHE C 240 -6.41 -31.64 17.05
N ARG C 241 -6.13 -32.54 16.11
CA ARG C 241 -4.83 -32.64 15.48
C ARG C 241 -4.86 -31.88 14.17
N PRO C 242 -4.19 -30.72 14.06
CA PRO C 242 -4.20 -29.99 12.78
C PRO C 242 -3.33 -30.64 11.71
N TRP C 243 -2.23 -31.26 12.11
CA TRP C 243 -1.38 -32.03 11.22
C TRP C 243 -1.50 -33.50 11.57
N LYS C 244 -2.06 -34.28 10.64
CA LYS C 244 -2.20 -35.70 10.85
C LYS C 244 -1.20 -36.42 9.94
N PRO C 245 -0.10 -36.97 10.46
CA PRO C 245 0.89 -37.58 9.59
C PRO C 245 0.40 -38.88 8.98
N ALA C 246 0.92 -39.19 7.79
CA ALA C 246 0.52 -40.39 7.08
C ALA C 246 1.36 -41.60 7.43
N GLY C 247 2.53 -41.40 8.03
CA GLY C 247 3.38 -42.51 8.41
C GLY C 247 3.60 -42.60 9.91
N GLN C 257 5.74 -32.52 28.68
CA GLN C 257 5.52 -31.19 29.24
C GLN C 257 4.02 -30.91 29.44
N ASP C 258 3.70 -30.33 30.60
CA ASP C 258 2.32 -30.15 31.04
C ASP C 258 2.13 -28.72 31.51
N TYR C 259 1.28 -27.97 30.80
CA TYR C 259 1.02 -26.58 31.11
C TYR C 259 -0.11 -26.49 32.13
N ALA C 260 0.05 -25.64 33.13
CA ALA C 260 -0.93 -25.57 34.21
C ALA C 260 -0.87 -24.22 34.90
N LEU C 261 -1.95 -23.46 34.84
CA LEU C 261 -2.14 -22.28 35.67
C LEU C 261 -3.24 -22.53 36.69
N ALA C 262 -3.35 -21.58 37.61
CA ALA C 262 -4.44 -21.49 38.55
C ALA C 262 -4.70 -20.02 38.80
N PHE C 263 -5.94 -19.59 38.70
CA PHE C 263 -6.29 -18.19 38.85
C PHE C 263 -6.85 -17.93 40.24
N SER C 264 -6.86 -16.66 40.62
CA SER C 264 -7.46 -16.24 41.88
C SER C 264 -8.87 -15.72 41.66
N MET C 265 -9.56 -16.33 40.70
CA MET C 265 -10.80 -15.86 40.11
C MET C 265 -11.31 -16.99 39.23
N LEU C 266 -12.41 -16.73 38.53
CA LEU C 266 -12.99 -17.75 37.67
C LEU C 266 -13.51 -17.10 36.40
N PRO C 267 -12.85 -17.34 35.24
CA PRO C 267 -13.20 -16.63 34.00
C PRO C 267 -14.59 -16.93 33.45
N GLU C 268 -14.91 -18.20 33.24
CA GLU C 268 -16.24 -18.60 32.80
C GLU C 268 -16.89 -19.48 33.85
N ALA C 269 -18.06 -20.03 33.51
CA ALA C 269 -18.76 -20.91 34.43
C ALA C 269 -17.97 -22.19 34.69
N THR C 270 -17.71 -22.96 33.64
CA THR C 270 -16.81 -24.10 33.72
C THR C 270 -15.60 -23.83 32.83
N LEU C 271 -14.42 -24.24 33.30
CA LEU C 271 -13.18 -24.01 32.58
C LEU C 271 -12.79 -25.18 31.70
N GLN C 272 -13.77 -25.94 31.21
CA GLN C 272 -13.46 -26.97 30.22
C GLN C 272 -13.18 -26.34 28.86
N THR C 273 -14.01 -25.39 28.44
CA THR C 273 -13.91 -24.88 27.08
C THR C 273 -12.71 -23.96 26.91
N LEU C 274 -12.42 -23.13 27.90
CA LEU C 274 -11.23 -22.29 27.83
C LEU C 274 -9.94 -23.09 27.98
N SER C 275 -9.99 -24.25 28.65
CA SER C 275 -8.82 -25.12 28.69
C SER C 275 -8.63 -25.85 27.38
N ASN C 276 -9.72 -26.23 26.70
CA ASN C 276 -9.61 -26.80 25.36
C ASN C 276 -9.15 -25.76 24.37
N SER C 277 -9.56 -24.51 24.56
CA SER C 277 -9.32 -23.48 23.56
C SER C 277 -7.88 -23.02 23.56
N TRP C 278 -7.24 -22.96 24.72
CA TRP C 278 -5.83 -22.58 24.73
C TRP C 278 -4.95 -23.72 24.24
N LEU C 279 -5.37 -24.96 24.47
CA LEU C 279 -4.60 -26.10 23.98
C LEU C 279 -4.72 -26.24 22.48
N ASN C 280 -5.82 -25.75 21.91
CA ASN C 280 -5.98 -25.82 20.46
C ASN C 280 -5.26 -24.67 19.76
N TYR C 281 -5.28 -23.47 20.35
CA TYR C 281 -4.55 -22.34 19.76
C TYR C 281 -3.05 -22.43 19.93
N GLN C 282 -2.54 -23.33 20.76
CA GLN C 282 -1.12 -23.60 20.77
C GLN C 282 -0.73 -24.75 19.85
N GLN C 283 -1.68 -25.63 19.49
CA GLN C 283 -1.40 -26.63 18.48
C GLN C 283 -1.18 -26.01 17.11
N MET C 284 -1.86 -24.90 16.81
CA MET C 284 -1.76 -24.28 15.51
C MET C 284 -0.41 -23.63 15.26
N THR C 285 0.39 -23.41 16.32
CA THR C 285 1.76 -22.95 16.18
C THR C 285 2.74 -24.08 15.97
N GLY C 286 2.29 -25.32 16.04
CA GLY C 286 3.18 -26.46 15.93
C GLY C 286 3.65 -26.71 14.52
N VAL C 287 2.72 -26.71 13.57
CA VAL C 287 3.02 -26.90 12.16
C VAL C 287 2.52 -25.68 11.42
N GLN C 288 3.43 -24.94 10.81
CA GLN C 288 3.05 -23.73 10.10
C GLN C 288 3.98 -23.47 8.93
N GLY C 289 3.42 -23.09 7.81
CA GLY C 289 4.22 -22.86 6.62
C GLY C 289 3.33 -22.41 5.48
N HIS C 290 3.84 -22.52 4.26
CA HIS C 290 3.04 -22.09 3.13
C HIS C 290 3.34 -22.96 1.91
N ILE C 291 2.31 -23.16 1.10
CA ILE C 291 2.39 -23.96 -0.11
C ILE C 291 2.12 -23.02 -1.29
N VAL C 292 3.15 -22.74 -2.08
CA VAL C 292 3.02 -21.82 -3.22
C VAL C 292 2.54 -22.63 -4.41
N LEU C 293 1.31 -22.42 -4.79
CA LEU C 293 0.64 -23.12 -5.86
C LEU C 293 0.62 -22.21 -7.08
N ALA C 294 -0.08 -22.60 -8.14
CA ALA C 294 -0.25 -21.74 -9.31
C ALA C 294 -1.74 -21.57 -9.60
N GLY C 295 -2.29 -20.45 -9.19
CA GLY C 295 -3.48 -19.90 -9.79
C GLY C 295 -4.78 -20.69 -9.76
N THR C 296 -5.37 -20.86 -8.58
CA THR C 296 -6.70 -21.45 -8.52
C THR C 296 -7.51 -20.82 -7.40
N ARG C 297 -8.82 -20.73 -7.62
CA ARG C 297 -9.76 -20.26 -6.62
C ARG C 297 -10.57 -21.40 -6.02
N ASP C 298 -9.97 -22.58 -5.94
CA ASP C 298 -10.62 -23.78 -5.43
C ASP C 298 -10.33 -24.01 -3.96
N PHE C 299 -9.73 -23.04 -3.28
CA PHE C 299 -9.31 -23.22 -1.89
C PHE C 299 -9.87 -22.10 -1.02
N ALA C 300 -9.99 -22.41 0.26
CA ALA C 300 -10.61 -21.57 1.27
C ALA C 300 -9.81 -21.75 2.56
N PRO C 301 -9.89 -20.79 3.49
CA PRO C 301 -9.09 -20.90 4.72
C PRO C 301 -9.46 -22.04 5.66
N GLY C 302 -10.50 -22.83 5.41
CA GLY C 302 -10.78 -23.97 6.27
C GLY C 302 -10.90 -25.30 5.56
N GLU C 303 -10.06 -25.57 4.57
CA GLU C 303 -10.34 -26.69 3.67
C GLU C 303 -9.75 -28.03 4.10
N SER C 304 -8.64 -28.03 4.85
CA SER C 304 -7.99 -29.23 5.38
C SER C 304 -7.57 -30.20 4.25
N ILE C 305 -6.58 -29.75 3.48
CA ILE C 305 -6.04 -30.50 2.35
C ILE C 305 -5.01 -31.53 2.82
N THR C 306 -4.60 -32.43 1.93
CA THR C 306 -3.65 -33.47 2.30
C THR C 306 -2.53 -33.62 1.26
N LEU C 307 -1.33 -33.92 1.76
CA LEU C 307 -0.14 -34.14 0.95
C LEU C 307 0.11 -35.64 0.86
N SER C 308 0.16 -36.17 -0.34
CA SER C 308 0.19 -37.63 -0.49
C SER C 308 1.44 -38.16 -1.19
N GLY C 309 1.81 -37.59 -2.33
CA GLY C 309 2.80 -38.24 -3.15
C GLY C 309 4.26 -38.02 -2.81
N PHE C 310 4.56 -37.50 -1.63
CA PHE C 310 5.92 -37.08 -1.31
C PHE C 310 6.64 -38.17 -0.52
N GLY C 311 7.80 -37.82 0.00
CA GLY C 311 8.57 -38.72 0.83
C GLY C 311 7.99 -38.82 2.22
N ALA C 312 8.74 -39.51 3.08
CA ALA C 312 8.25 -39.79 4.42
C ALA C 312 8.28 -38.57 5.34
N GLY C 313 8.94 -37.48 4.94
CA GLY C 313 8.97 -36.31 5.78
C GLY C 313 7.64 -35.57 5.81
N LEU C 314 7.09 -35.25 4.64
CA LEU C 314 5.92 -34.40 4.53
C LEU C 314 4.81 -35.15 3.76
N ASP C 315 4.07 -35.96 4.50
CA ASP C 315 2.88 -36.61 4.00
C ASP C 315 1.82 -36.59 5.10
N GLY C 316 0.67 -36.00 4.80
CA GLY C 316 -0.41 -35.99 5.76
C GLY C 316 -1.35 -34.84 5.51
N THR C 317 -2.45 -34.86 6.26
CA THR C 317 -3.51 -33.87 6.12
C THR C 317 -3.15 -32.62 6.93
N ALA C 318 -3.21 -31.46 6.29
CA ALA C 318 -2.93 -30.19 6.94
C ALA C 318 -4.12 -29.26 6.75
N MET C 319 -4.47 -28.51 7.79
CA MET C 319 -5.60 -27.61 7.73
C MET C 319 -5.12 -26.19 7.51
N LEU C 320 -5.72 -25.53 6.51
CA LEU C 320 -5.24 -24.26 6.01
C LEU C 320 -5.58 -23.13 6.99
N SER C 321 -4.96 -21.99 6.76
CA SER C 321 -5.29 -20.77 7.48
C SER C 321 -5.59 -19.60 6.57
N GLY C 322 -5.28 -19.68 5.30
CA GLY C 322 -5.60 -18.58 4.40
C GLY C 322 -4.94 -18.76 3.06
N VAL C 323 -5.39 -17.94 2.11
CA VAL C 323 -4.97 -18.02 0.71
C VAL C 323 -4.51 -16.63 0.28
N ASN C 324 -3.45 -16.55 -0.54
CA ASN C 324 -2.95 -15.29 -1.06
C ASN C 324 -2.78 -15.38 -2.58
N GLN C 325 -3.26 -14.37 -3.31
CA GLN C 325 -3.48 -14.55 -4.75
C GLN C 325 -2.30 -14.12 -5.62
N GLN C 326 -1.69 -12.96 -5.36
CA GLN C 326 -0.37 -12.58 -5.88
C GLN C 326 -0.31 -12.47 -7.41
N PHE C 327 -1.16 -11.64 -8.00
CA PHE C 327 -1.05 -11.33 -9.43
C PHE C 327 0.12 -10.40 -9.70
N ASP C 328 0.95 -10.76 -10.67
CA ASP C 328 2.08 -9.93 -11.07
C ASP C 328 2.52 -10.33 -12.48
N THR C 329 3.50 -9.58 -13.01
CA THR C 329 3.86 -9.72 -14.42
C THR C 329 4.70 -10.96 -14.65
N GLN C 330 5.84 -11.08 -13.98
CA GLN C 330 6.46 -12.38 -13.82
C GLN C 330 5.58 -13.22 -12.91
N TYR C 331 5.78 -14.55 -12.98
CA TYR C 331 5.15 -15.57 -12.15
C TYR C 331 3.66 -15.77 -12.42
N GLY C 332 3.04 -14.90 -13.20
CA GLY C 332 1.63 -15.05 -13.53
C GLY C 332 0.73 -14.85 -12.32
N TRP C 333 -0.10 -15.85 -12.06
CA TRP C 333 -1.03 -15.86 -10.94
C TRP C 333 -0.72 -17.09 -10.07
N ARG C 334 -0.47 -16.84 -8.78
CA ARG C 334 0.02 -17.87 -7.86
C ARG C 334 -0.78 -17.84 -6.55
N SER C 335 -1.71 -18.76 -6.39
CA SER C 335 -2.53 -18.82 -5.17
C SER C 335 -1.73 -19.52 -4.09
N GLU C 336 -1.04 -18.74 -3.27
CA GLU C 336 -0.29 -19.25 -2.12
C GLU C 336 -1.23 -19.66 -1.00
N LEU C 337 -1.06 -20.87 -0.49
CA LEU C 337 -1.84 -21.36 0.65
C LEU C 337 -1.03 -21.13 1.92
N VAL C 338 -1.72 -20.99 3.06
CA VAL C 338 -1.08 -20.70 4.33
C VAL C 338 -1.51 -21.77 5.33
N ILE C 339 -0.56 -22.30 6.10
CA ILE C 339 -0.83 -23.26 7.15
C ILE C 339 -0.37 -22.66 8.47
N GLY C 340 -1.19 -22.79 9.51
CA GLY C 340 -0.77 -22.46 10.85
C GLY C 340 -1.04 -21.02 11.24
N LEU C 341 -1.07 -20.79 12.56
CA LEU C 341 -1.35 -19.53 13.21
C LEU C 341 -0.10 -19.06 13.96
N PRO C 342 0.17 -17.73 13.99
CA PRO C 342 1.48 -17.26 14.46
C PRO C 342 1.81 -17.48 15.94
N ALA C 343 1.01 -16.95 16.86
CA ALA C 343 1.32 -16.95 18.28
C ALA C 343 0.05 -16.57 19.03
N SER C 344 0.17 -16.50 20.35
CA SER C 344 -0.98 -16.15 21.18
C SER C 344 -0.49 -15.57 22.50
N MET C 345 -1.30 -14.66 23.06
CA MET C 345 -0.95 -14.00 24.31
C MET C 345 -1.26 -14.85 25.52
N LEU C 346 -2.36 -15.60 25.47
CA LEU C 346 -2.89 -16.44 26.56
C LEU C 346 -3.17 -15.61 27.82
N GLU C 347 -4.15 -14.72 27.67
CA GLU C 347 -4.85 -14.04 28.74
C GLU C 347 -6.30 -14.50 28.75
N PRO C 348 -6.92 -14.63 29.93
CA PRO C 348 -8.37 -14.89 29.95
C PRO C 348 -9.17 -13.70 29.48
N ALA C 349 -8.66 -12.49 29.71
CA ALA C 349 -9.26 -11.24 29.26
C ALA C 349 -8.15 -10.22 29.23
N PRO C 350 -8.23 -9.19 28.38
CA PRO C 350 -7.15 -8.20 28.32
C PRO C 350 -7.09 -7.38 29.58
N PRO C 351 -5.93 -7.38 30.25
CA PRO C 351 -5.87 -6.95 31.64
C PRO C 351 -5.93 -5.45 31.81
N VAL C 352 -6.70 -5.02 32.81
CA VAL C 352 -6.69 -3.65 33.31
C VAL C 352 -6.18 -3.69 34.75
N ARG C 353 -5.05 -3.01 34.98
CA ARG C 353 -4.30 -3.14 36.21
C ARG C 353 -4.25 -1.82 36.99
N SER C 354 -5.27 -0.99 36.84
CA SER C 354 -5.37 0.29 37.52
C SER C 354 -6.36 0.19 38.66
N LEU C 355 -6.31 1.16 39.55
CA LEU C 355 -7.38 1.37 40.51
C LEU C 355 -8.34 2.41 39.95
N HIS C 356 -9.62 2.11 39.97
CA HIS C 356 -10.64 3.02 39.48
C HIS C 356 -11.61 3.31 40.61
N ILE C 357 -12.37 4.40 40.45
CA ILE C 357 -13.38 4.73 41.45
C ILE C 357 -14.74 4.73 40.78
N GLY C 358 -15.76 4.45 41.58
CA GLY C 358 -17.12 4.37 41.07
C GLY C 358 -18.11 4.67 42.17
N THR C 359 -19.33 5.00 41.76
CA THR C 359 -20.40 5.26 42.70
C THR C 359 -21.29 4.04 42.83
N VAL C 360 -21.90 3.90 44.01
CA VAL C 360 -22.83 2.80 44.28
C VAL C 360 -24.14 3.10 43.55
N ALA C 361 -24.79 2.06 43.03
CA ALA C 361 -25.93 2.23 42.13
C ALA C 361 -27.20 1.67 42.75
N GLY C 362 -27.85 2.47 43.59
CA GLY C 362 -29.16 2.13 44.11
C GLY C 362 -29.13 0.85 44.93
N PHE C 363 -30.03 -0.06 44.60
CA PHE C 363 -29.94 -1.42 45.11
C PHE C 363 -30.47 -2.38 44.06
N THR C 364 -29.71 -3.45 43.81
CA THR C 364 -30.16 -4.54 42.96
C THR C 364 -29.63 -5.82 43.58
N ALA C 365 -30.50 -6.82 43.74
CA ALA C 365 -30.07 -8.08 44.32
C ALA C 365 -29.14 -8.82 43.37
N ASP C 366 -28.30 -9.67 43.95
CA ASP C 366 -27.29 -10.38 43.19
C ASP C 366 -27.90 -11.63 42.57
N PRO C 367 -27.97 -11.75 41.24
CA PRO C 367 -28.50 -12.97 40.64
C PRO C 367 -27.55 -14.15 40.72
N GLN C 368 -26.29 -13.93 41.06
CA GLN C 368 -25.33 -15.01 41.23
C GLN C 368 -25.25 -15.46 42.69
N HIS C 369 -26.10 -14.88 43.54
CA HIS C 369 -26.34 -15.28 44.94
C HIS C 369 -25.10 -15.13 45.81
N LEU C 370 -24.24 -14.17 45.48
CA LEU C 370 -23.24 -13.67 46.40
C LEU C 370 -23.85 -12.45 47.10
N ASP C 371 -23.03 -11.66 47.78
CA ASP C 371 -23.48 -10.41 48.37
C ASP C 371 -22.89 -9.20 47.64
N ARG C 372 -22.84 -9.26 46.32
CA ARG C 372 -22.12 -8.25 45.55
C ARG C 372 -22.96 -7.00 45.37
N ILE C 373 -22.32 -5.85 45.55
CA ILE C 373 -22.99 -4.55 45.60
C ILE C 373 -22.90 -3.92 44.22
N ALA C 374 -24.05 -3.56 43.66
CA ALA C 374 -24.11 -3.08 42.29
C ALA C 374 -23.69 -1.61 42.23
N ILE C 375 -22.61 -1.35 41.49
CA ILE C 375 -22.01 -0.03 41.42
C ILE C 375 -22.04 0.48 39.99
N HIS C 376 -21.59 1.71 39.79
CA HIS C 376 -21.25 2.24 38.48
C HIS C 376 -19.74 2.39 38.38
N LEU C 377 -19.28 2.66 37.17
CA LEU C 377 -17.90 3.08 36.93
C LEU C 377 -17.97 4.26 35.97
N PRO C 378 -17.57 5.45 36.39
CA PRO C 378 -17.57 6.59 35.47
C PRO C 378 -16.44 6.58 34.46
N ALA C 379 -15.47 5.68 34.60
CA ALA C 379 -14.50 5.48 33.53
C ALA C 379 -15.18 4.94 32.28
N LEU C 380 -16.18 4.10 32.45
CA LEU C 380 -17.12 3.78 31.40
C LEU C 380 -18.12 4.92 31.27
N ASN C 381 -18.57 5.20 30.06
CA ASN C 381 -19.68 6.12 29.88
C ASN C 381 -20.99 5.34 29.76
N LEU C 382 -21.27 4.56 30.80
CA LEU C 382 -22.47 3.72 30.88
C LEU C 382 -23.23 4.14 32.12
N PRO C 383 -24.09 5.16 32.04
CA PRO C 383 -24.90 5.52 33.20
C PRO C 383 -26.05 4.58 33.48
N ASP C 384 -26.48 3.80 32.49
CA ASP C 384 -27.65 2.96 32.64
C ASP C 384 -27.33 1.57 33.19
N SER C 385 -26.21 0.98 32.78
CA SER C 385 -25.90 -0.41 33.11
C SER C 385 -25.16 -0.50 34.44
N LEU C 386 -25.41 -1.61 35.13
CA LEU C 386 -24.90 -1.81 36.49
C LEU C 386 -23.89 -2.94 36.51
N ILE C 387 -22.96 -2.83 37.45
CA ILE C 387 -21.81 -3.72 37.59
C ILE C 387 -21.78 -4.18 39.03
N PHE C 388 -21.92 -5.47 39.25
CA PHE C 388 -21.86 -6.00 40.61
C PHE C 388 -20.41 -6.12 41.05
N ALA C 389 -20.13 -5.69 42.26
CA ALA C 389 -18.77 -5.68 42.76
C ALA C 389 -18.74 -6.21 44.18
N ARG C 390 -17.60 -6.77 44.55
CA ARG C 390 -17.42 -7.42 45.83
C ARG C 390 -17.03 -6.37 46.86
N LEU C 391 -17.36 -6.61 48.12
CA LEU C 391 -17.08 -5.65 49.18
C LEU C 391 -16.01 -6.19 50.11
N SER C 392 -14.96 -5.41 50.32
CA SER C 392 -13.86 -5.77 51.21
C SER C 392 -14.01 -5.02 52.53
N LYS C 393 -14.06 -5.78 53.61
CA LYS C 393 -14.22 -5.31 54.97
C LYS C 393 -12.94 -5.61 55.72
N PRO C 394 -12.60 -4.85 56.78
CA PRO C 394 -11.35 -5.16 57.51
C PRO C 394 -11.38 -6.50 58.24
N TRP C 395 -12.53 -6.88 58.76
CA TRP C 395 -12.60 -7.91 59.77
C TRP C 395 -13.02 -9.28 59.21
N ALA C 396 -13.69 -9.29 58.06
CA ALA C 396 -15.10 -9.69 57.95
C ALA C 396 -15.45 -10.73 59.01
N SER C 397 -15.44 -12.05 58.72
CA SER C 397 -15.30 -13.25 59.60
C SER C 397 -16.06 -14.40 59.00
N HIS C 398 -16.23 -15.47 59.80
CA HIS C 398 -17.34 -16.40 59.56
C HIS C 398 -18.69 -15.68 59.59
N ALA C 399 -19.27 -15.48 60.77
CA ALA C 399 -20.64 -14.97 60.80
C ALA C 399 -20.74 -13.74 61.68
N SER C 400 -19.70 -12.91 61.66
CA SER C 400 -19.63 -11.78 62.56
C SER C 400 -18.74 -10.72 61.94
N GLY C 401 -19.32 -9.72 61.30
CA GLY C 401 -18.56 -8.82 60.45
C GLY C 401 -18.69 -7.37 60.86
N PHE C 402 -17.96 -6.53 60.12
CA PHE C 402 -18.03 -5.10 60.32
C PHE C 402 -19.37 -4.55 59.83
N CYS C 403 -19.67 -4.82 58.55
CA CYS C 403 -21.03 -4.82 57.99
C CYS C 403 -21.70 -3.44 58.08
N PHE C 404 -21.12 -2.49 57.35
CA PHE C 404 -21.78 -1.21 57.15
C PHE C 404 -22.46 -1.04 55.80
N TYR C 405 -21.97 -1.73 54.74
CA TYR C 405 -22.65 -1.88 53.45
C TYR C 405 -23.05 -0.57 52.79
N PRO C 406 -22.14 0.09 52.06
CA PRO C 406 -22.24 1.53 51.77
C PRO C 406 -23.52 2.00 51.08
N GLU C 407 -23.86 3.25 51.36
CA GLU C 407 -25.08 3.90 50.91
C GLU C 407 -25.02 4.10 49.40
N PRO C 408 -26.17 4.23 48.72
CA PRO C 408 -26.16 4.32 47.25
C PRO C 408 -25.59 5.56 46.58
N GLY C 409 -24.82 6.40 47.26
CA GLY C 409 -24.15 7.46 46.54
C GLY C 409 -22.71 7.73 46.92
N ASP C 410 -21.95 6.71 47.30
CA ASP C 410 -20.84 6.91 48.21
C ASP C 410 -19.46 7.11 47.58
N GLU C 411 -19.28 6.87 46.28
CA GLU C 411 -17.99 7.02 45.57
C GLU C 411 -16.92 6.11 46.19
N VAL C 412 -17.10 4.81 45.98
CA VAL C 412 -16.10 3.85 46.43
C VAL C 412 -14.94 3.81 45.45
N VAL C 413 -13.80 3.30 45.93
CA VAL C 413 -12.63 3.02 45.08
C VAL C 413 -12.56 1.52 44.83
N VAL C 414 -12.34 1.13 43.58
CA VAL C 414 -12.57 -0.23 43.10
C VAL C 414 -11.31 -0.77 42.46
N GLY C 415 -10.86 -1.93 42.92
CA GLY C 415 -9.78 -2.65 42.26
C GLY C 415 -10.27 -3.96 41.67
N PHE C 416 -9.56 -4.51 40.70
CA PHE C 416 -10.03 -5.67 39.94
C PHE C 416 -9.15 -6.88 40.26
N ILE C 417 -9.78 -8.01 40.58
CA ILE C 417 -9.06 -9.20 41.04
C ILE C 417 -8.45 -9.93 39.85
N ASP C 418 -7.13 -10.12 39.91
CA ASP C 418 -6.34 -10.87 38.91
C ASP C 418 -6.50 -10.25 37.52
N SER C 419 -6.62 -8.93 37.50
CA SER C 419 -6.62 -8.09 36.31
C SER C 419 -7.74 -8.46 35.33
N ASP C 420 -8.89 -8.85 35.86
CA ASP C 420 -10.03 -9.17 35.03
C ASP C 420 -11.09 -8.10 35.24
N PRO C 421 -11.63 -7.47 34.18
CA PRO C 421 -12.72 -6.52 34.39
C PRO C 421 -13.99 -7.14 34.95
N ARG C 422 -14.17 -8.46 34.75
CA ARG C 422 -15.39 -9.13 35.16
C ARG C 422 -15.54 -9.16 36.69
N TYR C 423 -14.42 -9.21 37.42
CA TYR C 423 -14.46 -9.18 38.88
C TYR C 423 -13.95 -7.89 39.51
N PRO C 424 -14.81 -6.91 39.79
CA PRO C 424 -14.39 -5.74 40.56
C PRO C 424 -14.51 -5.98 42.06
N MET C 425 -13.98 -5.03 42.83
CA MET C 425 -13.96 -5.15 44.28
C MET C 425 -13.78 -3.79 44.95
N ILE C 426 -14.72 -3.42 45.83
CA ILE C 426 -14.61 -2.18 46.60
C ILE C 426 -13.53 -2.32 47.65
N LEU C 427 -12.65 -1.33 47.74
CA LEU C 427 -11.62 -1.30 48.77
C LEU C 427 -11.83 -0.24 49.84
N GLY C 428 -12.24 0.97 49.46
CA GLY C 428 -12.49 2.04 50.42
C GLY C 428 -13.77 2.77 50.09
N ALA C 429 -14.05 3.93 50.69
CA ALA C 429 -15.31 4.59 50.36
C ALA C 429 -15.27 6.11 50.20
N LEU C 430 -14.23 6.83 50.61
CA LEU C 430 -13.92 8.15 50.04
C LEU C 430 -14.92 9.29 50.20
N HIS C 431 -14.96 9.99 51.34
CA HIS C 431 -15.66 11.28 51.42
C HIS C 431 -15.23 12.28 50.35
N ASN C 432 -16.07 13.28 50.11
CA ASN C 432 -15.93 14.15 48.94
C ASN C 432 -16.76 15.40 49.19
N PRO C 433 -16.53 16.50 48.45
CA PRO C 433 -17.26 17.75 48.72
C PRO C 433 -18.76 17.72 48.48
N LYS C 434 -19.30 16.69 47.84
CA LYS C 434 -20.75 16.55 47.74
C LYS C 434 -21.34 15.84 48.94
N ASN C 435 -20.50 15.22 49.78
CA ASN C 435 -20.92 14.53 50.98
C ASN C 435 -20.61 15.30 52.26
N THR C 436 -19.44 15.94 52.34
CA THR C 436 -19.02 16.78 53.47
C THR C 436 -18.94 16.03 54.80
N ALA C 437 -17.87 15.24 54.97
CA ALA C 437 -17.42 14.49 56.15
C ALA C 437 -17.61 15.24 57.47
N PRO C 438 -17.86 14.53 58.59
CA PRO C 438 -18.25 15.20 59.85
C PRO C 438 -17.26 16.21 60.41
N PHE C 439 -15.96 15.99 60.20
CA PHE C 439 -14.97 16.99 60.56
C PHE C 439 -13.77 16.80 59.66
N PRO C 440 -13.16 17.89 59.18
CA PRO C 440 -12.02 17.75 58.28
C PRO C 440 -10.79 17.28 59.03
N PRO C 441 -9.78 16.75 58.34
CA PRO C 441 -8.50 16.49 59.01
C PRO C 441 -7.84 17.80 59.40
N ASP C 442 -7.35 17.83 60.63
CA ASP C 442 -6.83 19.06 61.22
C ASP C 442 -5.55 18.73 61.96
N GLU C 443 -4.71 19.75 62.12
CA GLU C 443 -3.68 19.71 63.12
C GLU C 443 -4.34 19.63 64.49
N LYS C 444 -3.65 18.98 65.44
CA LYS C 444 -4.20 18.54 66.72
C LYS C 444 -5.40 17.61 66.47
N ASN C 445 -5.06 16.43 65.96
CA ASN C 445 -6.06 15.40 65.74
C ASN C 445 -6.58 14.91 67.07
N ASN C 446 -7.65 15.52 67.55
CA ASN C 446 -8.26 15.14 68.82
C ASN C 446 -9.60 14.46 68.64
N ARG C 447 -10.44 14.96 67.73
CA ARG C 447 -11.72 14.33 67.49
C ARG C 447 -11.54 13.09 66.65
N LYS C 448 -12.10 11.98 67.13
CA LYS C 448 -12.02 10.69 66.45
C LYS C 448 -13.40 10.07 66.56
N GLY C 449 -13.49 8.77 66.36
CA GLY C 449 -14.74 8.06 66.53
C GLY C 449 -15.57 8.05 65.28
N LEU C 450 -16.27 6.94 65.08
CA LEU C 450 -17.17 6.82 63.95
C LEU C 450 -18.44 7.63 64.19
N ILE C 451 -19.17 7.88 63.12
CA ILE C 451 -20.41 8.65 63.14
C ILE C 451 -21.39 7.97 62.20
N VAL C 452 -22.62 7.76 62.65
CA VAL C 452 -23.74 7.36 61.79
C VAL C 452 -24.83 8.41 61.98
N SER C 453 -25.32 8.96 60.87
CA SER C 453 -26.23 10.10 60.91
C SER C 453 -27.06 10.07 59.64
N GLN C 454 -28.33 9.66 59.75
CA GLN C 454 -29.15 9.48 58.58
C GLN C 454 -29.72 10.80 58.10
N ALA C 455 -30.58 11.43 58.91
CA ALA C 455 -31.10 12.75 58.58
C ALA C 455 -30.71 13.81 59.61
N ASP C 456 -31.02 13.57 60.88
CA ASP C 456 -30.67 14.50 61.95
C ASP C 456 -30.06 13.84 63.18
N GLN C 457 -30.11 12.51 63.28
CA GLN C 457 -29.73 11.82 64.52
C GLN C 457 -28.34 11.24 64.36
N THR C 458 -27.35 12.01 64.83
CA THR C 458 -25.98 11.53 64.92
C THR C 458 -25.91 10.49 66.03
N GLN C 459 -25.56 9.24 65.67
CA GLN C 459 -25.58 8.14 66.64
C GLN C 459 -24.40 7.18 66.49
N ALA C 460 -23.27 7.53 67.11
CA ALA C 460 -22.12 6.64 67.24
C ALA C 460 -21.16 7.21 68.26
N LEU C 461 -20.16 6.40 68.61
CA LEU C 461 -19.22 6.76 69.65
C LEU C 461 -18.15 7.72 69.14
N MET C 462 -17.69 8.59 70.03
CA MET C 462 -16.70 9.61 69.73
C MET C 462 -15.57 9.50 70.75
N ILE C 463 -14.34 9.70 70.29
CA ILE C 463 -13.18 9.83 71.17
C ILE C 463 -12.61 11.23 70.95
N ASP C 464 -12.51 11.99 72.02
CA ASP C 464 -11.85 13.29 72.00
C ASP C 464 -10.61 13.14 72.86
N THR C 465 -9.45 13.00 72.23
CA THR C 465 -8.22 12.69 72.95
C THR C 465 -7.69 13.89 73.74
N GLU C 466 -8.15 15.10 73.42
CA GLU C 466 -7.74 16.26 74.22
C GLU C 466 -8.49 16.30 75.54
N GLU C 467 -9.77 15.92 75.53
CA GLU C 467 -10.59 15.89 76.74
C GLU C 467 -10.64 14.52 77.40
N LYS C 468 -10.08 13.49 76.75
CA LYS C 468 -9.95 12.13 77.26
C LYS C 468 -11.32 11.49 77.55
N THR C 469 -12.20 11.54 76.57
CA THR C 469 -13.58 11.07 76.73
C THR C 469 -13.84 9.85 75.86
N LEU C 470 -15.05 9.30 76.00
CA LEU C 470 -15.58 8.26 75.12
C LEU C 470 -17.10 8.40 75.19
N ARG C 471 -17.67 9.06 74.18
CA ARG C 471 -19.04 9.56 74.25
C ARG C 471 -19.90 8.79 73.26
N LEU C 472 -20.88 8.06 73.78
CA LEU C 472 -21.80 7.27 72.96
C LEU C 472 -23.08 8.07 72.74
N MET C 473 -23.27 8.55 71.52
CA MET C 473 -24.41 9.36 71.14
C MET C 473 -25.61 8.50 70.80
N ALA C 474 -26.79 9.10 70.92
CA ALA C 474 -27.97 8.66 70.19
C ALA C 474 -28.80 9.82 69.67
N GLY C 475 -28.39 11.06 69.94
CA GLY C 475 -29.09 12.24 69.51
C GLY C 475 -29.24 13.21 70.66
N ASP C 476 -29.57 12.69 71.84
CA ASP C 476 -29.42 13.42 73.09
C ASP C 476 -28.99 12.53 74.26
N ASN C 477 -28.75 11.25 74.02
CA ASN C 477 -28.49 10.27 75.07
C ASN C 477 -26.99 9.98 75.04
N THR C 478 -26.24 10.64 75.92
CA THR C 478 -24.78 10.57 75.91
C THR C 478 -24.30 9.85 77.16
N LEU C 479 -23.36 8.93 77.00
CA LEU C 479 -22.85 8.15 78.12
C LEU C 479 -21.50 8.65 78.64
N THR C 480 -20.71 9.29 77.78
CA THR C 480 -19.57 10.21 78.06
C THR C 480 -18.76 9.91 79.32
N LEU C 481 -18.17 8.71 79.34
CA LEU C 481 -17.25 8.35 80.43
C LEU C 481 -15.88 8.97 80.18
N THR C 482 -15.61 10.07 80.87
CA THR C 482 -14.39 10.84 80.71
C THR C 482 -13.27 10.23 81.54
N GLY C 483 -12.10 10.03 80.92
CA GLY C 483 -10.96 9.51 81.65
C GLY C 483 -10.43 10.49 82.67
N GLU C 484 -9.88 9.92 83.76
CA GLU C 484 -9.57 10.57 85.04
C GLU C 484 -10.65 11.59 85.45
N GLY C 485 -11.89 11.14 85.37
CA GLY C 485 -13.02 12.04 85.58
C GLY C 485 -14.28 11.27 85.84
N ASN C 486 -15.41 11.86 85.44
CA ASN C 486 -16.73 11.42 85.86
C ASN C 486 -17.31 10.42 84.86
N LEU C 487 -18.56 10.02 85.11
CA LEU C 487 -19.33 9.12 84.20
C LEU C 487 -20.79 9.56 84.26
N THR C 488 -21.45 9.86 83.13
CA THR C 488 -22.86 10.34 83.23
C THR C 488 -23.76 9.78 82.12
N MET C 489 -24.91 9.20 82.48
CA MET C 489 -25.89 8.71 81.47
C MET C 489 -26.52 9.89 80.71
N SER C 490 -26.94 10.93 81.43
CA SER C 490 -27.48 12.19 80.83
C SER C 490 -28.56 11.99 79.75
N THR C 491 -29.69 11.34 80.04
CA THR C 491 -30.77 11.20 79.02
C THR C 491 -31.94 12.14 79.33
N PRO C 492 -32.49 12.93 78.37
CA PRO C 492 -33.62 13.83 78.63
C PRO C 492 -34.95 13.11 78.74
N ASN C 493 -34.93 11.80 78.90
CA ASN C 493 -36.15 10.99 78.96
C ASN C 493 -35.96 9.97 80.07
N ALA C 494 -36.78 8.94 80.08
CA ALA C 494 -36.66 7.89 81.09
C ALA C 494 -35.44 7.03 80.83
N LEU C 495 -34.90 6.45 81.91
CA LEU C 495 -33.93 5.38 81.77
C LEU C 495 -34.27 4.27 82.75
N GLN C 496 -34.04 3.03 82.35
CA GLN C 496 -34.32 1.87 83.18
C GLN C 496 -33.05 1.06 83.40
N LEU C 497 -32.98 0.39 84.55
CA LEU C 497 -31.80 -0.47 84.87
C LEU C 497 -32.28 -1.82 85.43
N GLN C 498 -32.90 -2.66 84.61
CA GLN C 498 -33.39 -3.98 85.06
C GLN C 498 -32.21 -4.93 85.29
N ALA C 499 -32.23 -5.68 86.39
CA ALA C 499 -31.15 -6.66 86.68
C ALA C 499 -31.69 -7.75 87.60
N ASP C 500 -31.07 -8.93 87.63
CA ASP C 500 -31.54 -10.00 88.52
C ASP C 500 -31.39 -9.55 89.98
N THR C 501 -30.21 -9.02 90.33
CA THR C 501 -29.87 -8.52 91.69
C THR C 501 -28.93 -7.32 91.53
N LEU C 502 -29.45 -6.12 91.32
CA LEU C 502 -28.52 -5.01 91.08
C LEU C 502 -28.10 -4.38 92.39
N GLY C 503 -26.80 -4.26 92.60
CA GLY C 503 -26.29 -3.60 93.77
C GLY C 503 -25.34 -2.46 93.45
N LEU C 504 -25.76 -1.24 93.75
CA LEU C 504 -24.96 -0.06 93.52
C LEU C 504 -24.29 0.38 94.81
N GLN C 505 -23.03 0.77 94.71
CA GLN C 505 -22.18 0.97 95.86
C GLN C 505 -21.27 2.17 95.61
N ALA C 506 -21.12 3.00 96.63
CA ALA C 506 -20.28 4.17 96.50
C ALA C 506 -19.46 4.34 97.78
N ASP C 507 -18.26 4.90 97.64
CA ASP C 507 -17.35 5.04 98.76
C ASP C 507 -17.43 6.47 99.29
N SER C 508 -18.06 6.62 100.45
CA SER C 508 -18.07 7.79 101.31
C SER C 508 -18.90 8.96 100.79
N ASN C 509 -19.78 8.77 99.80
CA ASN C 509 -20.85 9.72 99.52
C ASN C 509 -21.89 9.02 98.66
N LEU C 510 -23.14 9.46 98.78
CA LEU C 510 -24.19 9.02 97.88
C LEU C 510 -25.22 10.14 97.84
N SER C 511 -25.96 10.20 96.74
CA SER C 511 -27.05 11.17 96.62
C SER C 511 -28.10 10.63 95.68
N ILE C 512 -29.34 10.61 96.15
CA ILE C 512 -30.49 10.19 95.36
C ILE C 512 -31.48 11.35 95.39
N ALA C 513 -32.02 11.71 94.23
CA ALA C 513 -32.84 12.90 94.18
C ALA C 513 -34.12 12.66 93.38
N GLY C 514 -34.80 13.74 93.03
CA GLY C 514 -36.10 13.67 92.40
C GLY C 514 -36.99 14.78 92.91
N LYS C 515 -37.57 15.56 92.01
CA LYS C 515 -38.37 16.69 92.45
C LYS C 515 -39.76 16.24 92.89
N GLN C 516 -40.38 15.38 92.13
CA GLN C 516 -41.64 14.74 92.53
C GLN C 516 -41.33 13.40 93.19
N GLN C 517 -42.31 12.50 93.17
CA GLN C 517 -42.34 11.23 93.90
C GLN C 517 -41.05 10.43 93.85
N VAL C 518 -40.74 9.78 94.97
CA VAL C 518 -39.68 8.78 95.07
C VAL C 518 -40.29 7.56 95.75
N GLU C 519 -40.34 6.44 95.03
CA GLU C 519 -40.90 5.20 95.54
C GLU C 519 -39.82 4.14 95.67
N ILE C 520 -39.80 3.46 96.81
CA ILE C 520 -38.85 2.40 97.10
C ILE C 520 -39.69 1.14 97.26
N THR C 521 -40.74 1.04 96.42
CA THR C 521 -41.77 0.02 96.46
C THR C 521 -41.23 -1.40 96.43
N SER C 522 -41.42 -2.14 97.53
CA SER C 522 -40.85 -3.47 97.69
C SER C 522 -41.69 -4.22 98.72
N ALA C 523 -41.30 -5.48 98.96
CA ALA C 523 -41.91 -6.24 100.05
C ALA C 523 -41.23 -5.93 101.38
N LYS C 524 -39.95 -6.26 101.48
CA LYS C 524 -39.20 -6.08 102.72
C LYS C 524 -38.11 -5.03 102.48
N ILE C 525 -38.24 -3.90 103.18
CA ILE C 525 -37.31 -2.78 103.05
C ILE C 525 -36.52 -2.69 104.35
N ASN C 526 -35.20 -2.78 104.24
CA ASN C 526 -34.32 -2.68 105.39
C ASN C 526 -33.62 -1.33 105.35
N MET C 527 -33.06 -0.92 106.48
CA MET C 527 -32.44 0.39 106.56
C MET C 527 -31.12 0.33 107.32
#